data_1XKQ
#
_entry.id   1XKQ
#
_cell.length_a   119.690
_cell.length_b   119.690
_cell.length_c   193.220
_cell.angle_alpha   90.00
_cell.angle_beta   90.00
_cell.angle_gamma   120.00
#
_symmetry.space_group_name_H-M   'P 61'
#
loop_
_entity.id
_entity.type
_entity.pdbx_description
1 polymer 'short-chain reductase family member (5D234)'
2 non-polymer 'NADPH DIHYDRO-NICOTINAMIDE-ADENINE-DINUCLEOTIDE PHOSPHATE'
3 water water
#
_entity_poly.entity_id   1
_entity_poly.type   'polypeptide(L)'
_entity_poly.pdbx_seq_one_letter_code
;MPRFSNKTVIITGSSNGIGRTTAILFAQEGANVTITGRSSERLEETRQIILKSGVSEKQVNSVVADVTTEDGQDQIINST
LKQFGKIDVLVNNAGAAIPDAFGTTGTDQGIDIYHKTLKLNLQAVIEMTKKVKPHLVASKGEIVNVSSIVAGPQAQPDFL
YYAIAKAALDQYTRSTAIDLAKFGIRVNSVSPGMVETGFTNAMGMPDQASQKFYNFMASHKECIPIGAAGKPEHIANIIL
FLADRNLSFYILGQSIVADGGTSLVMGTQAHDVMSIMSSH
;
_entity_poly.pdbx_strand_id   A,B,C,D
#
loop_
_chem_comp.id
_chem_comp.type
_chem_comp.name
_chem_comp.formula
NDP non-polymer 'NADPH DIHYDRO-NICOTINAMIDE-ADENINE-DINUCLEOTIDE PHOSPHATE' 'C21 H30 N7 O17 P3'
#
# COMPACT_ATOMS: atom_id res chain seq x y z
N PRO A 2 25.97 26.24 -1.64
CA PRO A 2 25.65 26.96 -0.38
C PRO A 2 24.61 26.22 0.46
N ARG A 3 23.76 25.44 -0.21
CA ARG A 3 22.72 24.68 0.48
C ARG A 3 23.28 23.75 1.55
N PHE A 4 24.40 23.10 1.23
CA PHE A 4 25.03 22.15 2.14
C PHE A 4 26.43 22.56 2.60
N SER A 5 26.65 23.86 2.70
CA SER A 5 27.94 24.38 3.16
C SER A 5 28.16 23.97 4.60
N ASN A 6 29.34 23.44 4.89
CA ASN A 6 29.69 23.00 6.23
C ASN A 6 28.89 21.78 6.66
N LYS A 7 28.53 20.95 5.69
CA LYS A 7 27.80 19.72 5.96
C LYS A 7 28.68 18.59 5.45
N THR A 8 28.76 17.50 6.21
CA THR A 8 29.58 16.35 5.80
C THR A 8 28.67 15.19 5.40
N VAL A 9 28.85 14.75 4.17
CA VAL A 9 28.05 13.69 3.60
C VAL A 9 28.82 12.48 3.13
N ILE A 10 28.33 11.30 3.49
CA ILE A 10 28.94 10.06 3.05
C ILE A 10 27.99 9.50 1.98
N ILE A 11 28.50 9.25 0.79
CA ILE A 11 27.68 8.68 -0.27
C ILE A 11 28.25 7.31 -0.63
N THR A 12 27.62 6.23 -0.16
CA THR A 12 28.15 4.92 -0.50
C THR A 12 27.86 4.68 -1.98
N GLY A 13 28.65 3.83 -2.61
CA GLY A 13 28.46 3.55 -4.02
C GLY A 13 28.56 4.80 -4.88
N SER A 14 29.53 5.65 -4.60
CA SER A 14 29.69 6.88 -5.38
C SER A 14 30.77 6.80 -6.47
N SER A 15 31.13 5.58 -6.86
CA SER A 15 32.11 5.38 -7.91
C SER A 15 31.42 5.14 -9.25
N ASN A 16 30.10 5.32 -9.29
CA ASN A 16 29.34 5.10 -10.52
C ASN A 16 27.86 5.43 -10.29
N GLY A 17 27.14 5.63 -11.41
CA GLY A 17 25.71 5.90 -11.36
C GLY A 17 25.16 6.99 -10.45
N ILE A 18 24.06 6.67 -9.78
CA ILE A 18 23.39 7.61 -8.88
C ILE A 18 24.31 8.17 -7.79
N GLY A 19 25.11 7.30 -7.18
CA GLY A 19 26.02 7.73 -6.13
C GLY A 19 27.04 8.74 -6.60
N ARG A 20 27.55 8.56 -7.82
CA ARG A 20 28.54 9.48 -8.36
C ARG A 20 27.95 10.87 -8.52
N THR A 21 26.82 10.97 -9.21
CA THR A 21 26.19 12.26 -9.44
C THR A 21 25.72 12.92 -8.14
N THR A 22 25.22 12.10 -7.22
CA THR A 22 24.75 12.62 -5.93
C THR A 22 25.94 13.25 -5.20
N ALA A 23 27.06 12.54 -5.18
CA ALA A 23 28.26 13.04 -4.53
C ALA A 23 28.69 14.35 -5.19
N ILE A 24 28.63 14.38 -6.51
CA ILE A 24 29.00 15.58 -7.26
C ILE A 24 28.11 16.77 -6.90
N LEU A 25 26.79 16.57 -6.90
CA LEU A 25 25.88 17.65 -6.58
C LEU A 25 26.06 18.15 -5.16
N PHE A 26 26.30 17.24 -4.23
CA PHE A 26 26.52 17.60 -2.83
C PHE A 26 27.75 18.50 -2.68
N ALA A 27 28.83 18.11 -3.35
CA ALA A 27 30.08 18.88 -3.31
C ALA A 27 29.85 20.27 -3.90
N GLN A 28 29.16 20.33 -5.03
CA GLN A 28 28.87 21.62 -5.66
C GLN A 28 27.99 22.49 -4.77
N GLU A 29 27.26 21.85 -3.86
CA GLU A 29 26.38 22.56 -2.94
C GLU A 29 27.15 22.97 -1.68
N GLY A 30 28.48 22.83 -1.72
CA GLY A 30 29.32 23.22 -0.61
C GLY A 30 29.68 22.17 0.44
N ALA A 31 29.25 20.93 0.24
CA ALA A 31 29.52 19.90 1.23
C ALA A 31 30.88 19.20 1.18
N ASN A 32 31.28 18.68 2.34
CA ASN A 32 32.50 17.89 2.44
C ASN A 32 31.91 16.54 2.06
N VAL A 33 32.58 15.81 1.19
CA VAL A 33 32.03 14.53 0.79
C VAL A 33 33.00 13.36 0.84
N THR A 34 32.49 12.23 1.29
CA THR A 34 33.26 11.01 1.33
C THR A 34 32.70 10.14 0.21
N ILE A 35 33.52 9.86 -0.79
CA ILE A 35 33.09 9.03 -1.91
C ILE A 35 33.74 7.67 -1.71
N THR A 36 33.01 6.62 -2.05
CA THR A 36 33.56 5.29 -1.85
C THR A 36 32.99 4.25 -2.81
N GLY A 37 33.77 3.19 -3.01
CA GLY A 37 33.37 2.11 -3.89
C GLY A 37 34.56 1.16 -3.94
N ARG A 38 34.48 0.12 -4.76
CA ARG A 38 35.58 -0.83 -4.87
C ARG A 38 36.52 -0.55 -6.05
N SER A 39 35.95 -0.13 -7.18
CA SER A 39 36.76 0.16 -8.36
C SER A 39 37.50 1.48 -8.20
N SER A 40 38.79 1.39 -7.91
CA SER A 40 39.65 2.55 -7.70
C SER A 40 39.71 3.48 -8.91
N GLU A 41 39.63 2.91 -10.10
CA GLU A 41 39.67 3.70 -11.32
C GLU A 41 38.45 4.59 -11.47
N ARG A 42 37.26 4.01 -11.27
CA ARG A 42 36.04 4.78 -11.39
C ARG A 42 35.85 5.73 -10.21
N LEU A 43 36.37 5.36 -9.06
CA LEU A 43 36.23 6.24 -7.89
C LEU A 43 37.01 7.52 -8.14
N GLU A 44 38.20 7.38 -8.72
CA GLU A 44 39.03 8.56 -9.02
C GLU A 44 38.34 9.43 -10.07
N GLU A 45 37.65 8.81 -11.02
CA GLU A 45 36.95 9.57 -12.04
C GLU A 45 35.94 10.47 -11.34
N THR A 46 35.23 9.92 -10.37
CA THR A 46 34.26 10.70 -9.62
C THR A 46 34.94 11.89 -8.96
N ARG A 47 36.12 11.65 -8.39
CA ARG A 47 36.87 12.71 -7.71
C ARG A 47 37.31 13.79 -8.68
N GLN A 48 37.82 13.39 -9.83
CA GLN A 48 38.26 14.36 -10.83
C GLN A 48 37.12 15.28 -11.25
N ILE A 49 35.96 14.70 -11.52
CA ILE A 49 34.79 15.50 -11.91
C ILE A 49 34.51 16.55 -10.83
N ILE A 50 34.65 16.17 -9.56
CA ILE A 50 34.40 17.10 -8.48
C ILE A 50 35.49 18.18 -8.42
N LEU A 51 36.74 17.77 -8.55
CA LEU A 51 37.85 18.73 -8.52
C LEU A 51 37.82 19.68 -9.70
N LYS A 52 37.62 19.15 -10.90
CA LYS A 52 37.57 19.98 -12.08
C LYS A 52 36.31 20.84 -12.11
N SER A 53 35.74 21.06 -10.94
CA SER A 53 34.54 21.87 -10.78
C SER A 53 34.88 23.06 -9.90
N GLY A 54 36.11 23.06 -9.39
CA GLY A 54 36.56 24.14 -8.53
C GLY A 54 36.52 23.74 -7.05
N VAL A 55 36.18 22.48 -6.79
CA VAL A 55 36.11 21.99 -5.42
C VAL A 55 37.49 21.56 -4.94
N SER A 56 37.92 22.12 -3.82
CA SER A 56 39.23 21.80 -3.24
C SER A 56 39.32 20.34 -2.80
N GLU A 57 40.50 19.76 -2.96
CA GLU A 57 40.74 18.36 -2.59
C GLU A 57 40.49 18.08 -1.11
N LYS A 58 40.49 19.12 -0.28
CA LYS A 58 40.26 18.95 1.15
C LYS A 58 38.78 18.74 1.47
N GLN A 59 37.92 18.96 0.48
CA GLN A 59 36.49 18.78 0.64
C GLN A 59 36.08 17.38 0.19
N VAL A 60 37.06 16.59 -0.23
CA VAL A 60 36.81 15.24 -0.73
C VAL A 60 37.61 14.15 -0.02
N ASN A 61 36.93 13.08 0.35
CA ASN A 61 37.56 11.94 1.00
C ASN A 61 37.19 10.71 0.18
N SER A 62 38.17 10.21 -0.57
CA SER A 62 37.97 9.05 -1.43
C SER A 62 38.41 7.80 -0.67
N VAL A 63 37.52 6.81 -0.60
CA VAL A 63 37.81 5.57 0.10
C VAL A 63 37.46 4.34 -0.73
N VAL A 64 38.45 3.48 -0.95
CA VAL A 64 38.24 2.25 -1.70
C VAL A 64 37.91 1.20 -0.66
N ALA A 65 36.74 0.59 -0.77
CA ALA A 65 36.34 -0.41 0.22
C ALA A 65 35.12 -1.23 -0.17
N ASP A 66 34.97 -2.38 0.49
CA ASP A 66 33.83 -3.26 0.25
C ASP A 66 32.85 -2.92 1.37
N VAL A 67 31.72 -2.32 1.01
CA VAL A 67 30.73 -1.92 2.01
C VAL A 67 29.99 -3.08 2.68
N THR A 68 30.23 -4.31 2.24
CA THR A 68 29.59 -5.47 2.83
C THR A 68 30.41 -6.07 3.98
N THR A 69 31.64 -5.61 4.14
CA THR A 69 32.51 -6.11 5.20
C THR A 69 32.61 -5.15 6.38
N GLU A 70 32.87 -5.69 7.57
CA GLU A 70 32.99 -4.88 8.77
C GLU A 70 34.11 -3.85 8.59
N ASP A 71 35.23 -4.30 8.03
CA ASP A 71 36.37 -3.42 7.81
C ASP A 71 36.09 -2.29 6.84
N GLY A 72 35.42 -2.60 5.74
CA GLY A 72 35.11 -1.57 4.76
C GLY A 72 34.17 -0.52 5.32
N GLN A 73 33.18 -0.98 6.08
CA GLN A 73 32.21 -0.08 6.69
C GLN A 73 32.88 0.86 7.69
N ASP A 74 33.73 0.30 8.54
CA ASP A 74 34.44 1.11 9.53
C ASP A 74 35.35 2.13 8.87
N GLN A 75 36.01 1.73 7.80
CA GLN A 75 36.91 2.64 7.08
C GLN A 75 36.17 3.84 6.52
N ILE A 76 35.01 3.58 5.92
CA ILE A 76 34.20 4.64 5.34
C ILE A 76 33.82 5.69 6.38
N ILE A 77 33.26 5.23 7.50
CA ILE A 77 32.84 6.11 8.57
C ILE A 77 34.03 6.77 9.30
N ASN A 78 34.99 5.95 9.72
CA ASN A 78 36.15 6.46 10.44
C ASN A 78 37.01 7.46 9.66
N SER A 79 37.24 7.21 8.37
CA SER A 79 38.03 8.15 7.58
C SER A 79 37.24 9.46 7.41
N THR A 80 35.91 9.36 7.39
CA THR A 80 35.08 10.55 7.27
C THR A 80 35.21 11.41 8.54
N LEU A 81 35.20 10.78 9.70
CA LEU A 81 35.34 11.51 10.95
C LEU A 81 36.73 12.12 11.12
N LYS A 82 37.76 11.35 10.77
CA LYS A 82 39.13 11.82 10.91
C LYS A 82 39.47 12.95 9.93
N GLN A 83 38.75 12.98 8.82
CA GLN A 83 38.97 13.99 7.80
C GLN A 83 38.12 15.26 8.00
N PHE A 84 36.84 15.07 8.30
CA PHE A 84 35.93 16.20 8.44
C PHE A 84 35.46 16.54 9.86
N GLY A 85 35.70 15.63 10.80
CA GLY A 85 35.32 15.89 12.18
C GLY A 85 33.90 15.59 12.60
N LYS A 86 33.06 15.22 11.65
CA LYS A 86 31.66 14.89 11.95
C LYS A 86 30.95 14.29 10.74
N ILE A 87 29.69 13.88 10.96
CA ILE A 87 28.88 13.31 9.89
C ILE A 87 27.48 13.91 10.02
N ASP A 88 27.02 14.54 8.95
CA ASP A 88 25.72 15.19 8.94
C ASP A 88 24.71 14.37 8.14
N VAL A 89 25.18 13.74 7.07
CA VAL A 89 24.29 12.97 6.21
C VAL A 89 24.91 11.67 5.74
N LEU A 90 24.10 10.62 5.73
CA LEU A 90 24.54 9.33 5.24
C LEU A 90 23.55 8.93 4.16
N VAL A 91 24.05 8.72 2.95
CA VAL A 91 23.19 8.28 1.86
C VAL A 91 23.60 6.85 1.53
N ASN A 92 22.72 5.91 1.84
CA ASN A 92 22.98 4.50 1.57
C ASN A 92 22.53 4.21 0.15
N ASN A 93 23.44 4.43 -0.78
CA ASN A 93 23.15 4.26 -2.20
C ASN A 93 23.64 2.97 -2.83
N ALA A 94 24.75 2.43 -2.33
CA ALA A 94 25.31 1.19 -2.88
C ALA A 94 24.30 0.05 -2.92
N GLY A 95 24.24 -0.64 -4.05
CA GLY A 95 23.32 -1.74 -4.21
C GLY A 95 23.46 -2.31 -5.60
N ALA A 96 22.88 -3.49 -5.82
CA ALA A 96 22.98 -4.13 -7.12
C ALA A 96 22.17 -5.42 -7.20
N ALA A 97 21.70 -5.75 -8.40
CA ALA A 97 20.96 -6.99 -8.58
C ALA A 97 22.02 -8.01 -8.97
N ILE A 98 22.63 -8.64 -7.96
CA ILE A 98 23.66 -9.65 -8.19
C ILE A 98 23.08 -10.78 -9.04
N PRO A 99 23.72 -11.07 -10.18
CA PRO A 99 23.24 -12.13 -11.07
C PRO A 99 23.64 -13.54 -10.65
N ASP A 100 22.87 -14.51 -11.10
CA ASP A 100 23.14 -15.92 -10.82
C ASP A 100 24.28 -16.31 -11.78
N ALA A 101 25.27 -17.02 -11.27
CA ALA A 101 26.41 -17.43 -12.09
C ALA A 101 26.01 -18.25 -13.30
N PHE A 102 24.87 -18.92 -13.23
CA PHE A 102 24.42 -19.74 -14.34
C PHE A 102 23.28 -19.04 -15.10
N GLY A 103 23.15 -17.73 -14.89
CA GLY A 103 22.13 -16.96 -15.57
C GLY A 103 20.71 -17.29 -15.16
N THR A 104 20.55 -18.04 -14.07
CA THR A 104 19.22 -18.41 -13.63
C THR A 104 18.48 -17.26 -12.93
N THR A 105 17.18 -17.17 -13.21
CA THR A 105 16.33 -16.14 -12.59
C THR A 105 15.11 -16.84 -11.99
N GLY A 106 14.32 -16.08 -11.24
CA GLY A 106 13.12 -16.65 -10.64
C GLY A 106 13.41 -17.35 -9.32
N THR A 107 12.43 -18.14 -8.89
CA THR A 107 12.51 -18.90 -7.64
C THR A 107 13.74 -19.80 -7.63
N ASP A 108 14.16 -20.22 -8.83
CA ASP A 108 15.31 -21.12 -8.96
C ASP A 108 16.67 -20.50 -8.67
N GLN A 109 16.74 -19.17 -8.59
CA GLN A 109 18.02 -18.53 -8.29
C GLN A 109 18.62 -19.21 -7.07
N GLY A 110 19.91 -19.50 -7.15
CA GLY A 110 20.60 -20.16 -6.06
C GLY A 110 20.59 -19.42 -4.75
N ILE A 111 20.66 -20.17 -3.65
CA ILE A 111 20.65 -19.60 -2.32
C ILE A 111 21.87 -18.71 -2.07
N ASP A 112 22.99 -19.02 -2.74
CA ASP A 112 24.21 -18.23 -2.62
C ASP A 112 23.93 -16.79 -3.04
N ILE A 113 23.07 -16.63 -4.04
CA ILE A 113 22.72 -15.29 -4.53
C ILE A 113 21.84 -14.60 -3.50
N TYR A 114 21.09 -15.38 -2.72
CA TYR A 114 20.25 -14.80 -1.67
C TYR A 114 21.17 -14.09 -0.68
N HIS A 115 22.20 -14.80 -0.23
CA HIS A 115 23.15 -14.26 0.75
C HIS A 115 23.95 -13.05 0.29
N LYS A 116 24.46 -13.09 -0.94
CA LYS A 116 25.23 -11.96 -1.45
C LYS A 116 24.35 -10.74 -1.63
N THR A 117 23.17 -10.94 -2.21
CA THR A 117 22.22 -9.84 -2.46
C THR A 117 21.78 -9.12 -1.20
N LEU A 118 21.35 -9.87 -0.19
CA LEU A 118 20.92 -9.24 1.04
C LEU A 118 22.07 -8.63 1.83
N LYS A 119 23.26 -9.19 1.71
CA LYS A 119 24.39 -8.64 2.45
C LYS A 119 24.75 -7.27 1.93
N LEU A 120 24.51 -7.04 0.65
CA LEU A 120 24.80 -5.78 0.01
C LEU A 120 23.64 -4.79 0.09
N ASN A 121 22.49 -5.21 -0.40
CA ASN A 121 21.30 -4.37 -0.46
C ASN A 121 20.54 -4.16 0.84
N LEU A 122 20.86 -4.94 1.86
CA LEU A 122 20.18 -4.80 3.14
C LEU A 122 21.14 -4.70 4.33
N GLN A 123 21.92 -5.76 4.57
CA GLN A 123 22.83 -5.77 5.71
C GLN A 123 23.77 -4.57 5.76
N ALA A 124 24.37 -4.23 4.62
CA ALA A 124 25.29 -3.09 4.57
C ALA A 124 24.62 -1.80 5.01
N VAL A 125 23.37 -1.61 4.59
CA VAL A 125 22.59 -0.42 4.94
C VAL A 125 22.36 -0.37 6.45
N ILE A 126 22.03 -1.53 7.01
CA ILE A 126 21.78 -1.64 8.44
C ILE A 126 23.04 -1.39 9.27
N GLU A 127 24.16 -1.93 8.83
CA GLU A 127 25.41 -1.73 9.57
C GLU A 127 25.93 -0.30 9.43
N MET A 128 25.74 0.31 8.27
CA MET A 128 26.18 1.69 8.09
C MET A 128 25.29 2.59 8.95
N THR A 129 24.02 2.23 9.05
CA THR A 129 23.07 3.01 9.85
C THR A 129 23.48 2.96 11.32
N LYS A 130 23.70 1.75 11.82
CA LYS A 130 24.10 1.55 13.22
C LYS A 130 25.43 2.23 13.52
N LYS A 131 26.37 2.15 12.59
CA LYS A 131 27.69 2.73 12.80
C LYS A 131 27.76 4.25 12.68
N VAL A 132 26.87 4.84 11.90
CA VAL A 132 26.89 6.30 11.77
C VAL A 132 26.00 6.93 12.84
N LYS A 133 25.05 6.15 13.36
CA LYS A 133 24.09 6.63 14.36
C LYS A 133 24.60 7.52 15.49
N PRO A 134 25.64 7.09 16.22
CA PRO A 134 26.12 7.96 17.30
C PRO A 134 26.54 9.34 16.81
N HIS A 135 27.10 9.40 15.61
CA HIS A 135 27.56 10.67 15.06
C HIS A 135 26.39 11.52 14.55
N LEU A 136 25.34 10.86 14.06
CA LEU A 136 24.16 11.57 13.57
C LEU A 136 23.35 12.07 14.76
N VAL A 137 23.46 11.38 15.90
CA VAL A 137 22.75 11.79 17.11
C VAL A 137 23.36 13.13 17.54
N ALA A 138 24.69 13.20 17.50
CA ALA A 138 25.42 14.41 17.90
C ALA A 138 25.17 15.58 16.96
N SER A 139 25.02 15.28 15.67
CA SER A 139 24.80 16.32 14.66
C SER A 139 23.34 16.49 14.29
N LYS A 140 22.48 15.63 14.83
CA LYS A 140 21.07 15.67 14.49
C LYS A 140 21.04 15.68 12.97
N GLY A 141 21.67 14.67 12.39
CA GLY A 141 21.77 14.57 10.95
C GLY A 141 20.63 13.85 10.26
N GLU A 142 20.94 13.22 9.13
CA GLU A 142 19.92 12.53 8.37
C GLU A 142 20.45 11.35 7.57
N ILE A 143 19.53 10.50 7.17
CA ILE A 143 19.85 9.32 6.37
C ILE A 143 18.90 9.28 5.18
N VAL A 144 19.45 9.00 4.00
CA VAL A 144 18.64 8.86 2.80
C VAL A 144 19.07 7.55 2.17
N ASN A 145 18.16 6.59 2.14
CA ASN A 145 18.50 5.30 1.54
C ASN A 145 17.99 5.25 0.12
N VAL A 146 18.56 4.35 -0.68
CA VAL A 146 18.10 4.19 -2.06
C VAL A 146 17.55 2.78 -2.20
N SER A 147 16.24 2.70 -2.37
CA SER A 147 15.55 1.41 -2.52
C SER A 147 15.31 1.17 -4.00
N SER A 148 14.08 0.77 -4.34
CA SER A 148 13.70 0.49 -5.72
C SER A 148 12.24 0.09 -5.79
N ILE A 149 11.58 0.36 -6.93
CA ILE A 149 10.18 -0.01 -7.09
C ILE A 149 10.04 -1.53 -7.09
N VAL A 150 11.15 -2.23 -7.24
CA VAL A 150 11.13 -3.69 -7.24
C VAL A 150 10.75 -4.23 -5.85
N ALA A 151 10.78 -3.38 -4.83
CA ALA A 151 10.41 -3.81 -3.47
C ALA A 151 8.93 -4.21 -3.39
N GLY A 152 8.13 -3.68 -4.31
CA GLY A 152 6.71 -3.96 -4.30
C GLY A 152 5.94 -2.69 -4.63
N PRO A 153 4.60 -2.70 -4.60
CA PRO A 153 3.72 -3.82 -4.29
C PRO A 153 3.57 -4.86 -5.39
N GLN A 154 4.09 -4.59 -6.59
CA GLN A 154 3.97 -5.56 -7.67
C GLN A 154 5.01 -6.66 -7.47
N ALA A 155 4.72 -7.84 -8.01
CA ALA A 155 5.62 -8.98 -7.88
C ALA A 155 6.86 -8.81 -8.76
N GLN A 156 7.96 -9.43 -8.33
CA GLN A 156 9.22 -9.40 -9.08
C GLN A 156 9.78 -10.82 -9.11
N PRO A 157 9.26 -11.64 -10.03
CA PRO A 157 9.61 -13.05 -10.26
C PRO A 157 10.95 -13.40 -10.91
N ASP A 158 11.72 -12.40 -11.34
CA ASP A 158 13.01 -12.72 -11.97
C ASP A 158 14.18 -12.62 -11.01
N PHE A 159 14.31 -11.48 -10.32
CA PHE A 159 15.37 -11.31 -9.35
C PHE A 159 14.72 -11.11 -7.99
N LEU A 160 14.25 -12.21 -7.42
CA LEU A 160 13.54 -12.23 -6.14
C LEU A 160 14.32 -11.79 -4.90
N TYR A 161 15.58 -12.19 -4.78
CA TYR A 161 16.37 -11.81 -3.61
C TYR A 161 16.64 -10.31 -3.59
N TYR A 162 16.88 -9.75 -4.77
CA TYR A 162 17.12 -8.31 -4.88
C TYR A 162 15.83 -7.60 -4.43
N ALA A 163 14.70 -8.11 -4.91
CA ALA A 163 13.39 -7.56 -4.61
C ALA A 163 13.00 -7.57 -3.13
N ILE A 164 13.13 -8.73 -2.49
CA ILE A 164 12.78 -8.83 -1.08
C ILE A 164 13.76 -8.04 -0.22
N ALA A 165 15.00 -7.91 -0.70
CA ALA A 165 16.01 -7.16 0.03
C ALA A 165 15.58 -5.69 0.08
N LYS A 166 15.06 -5.20 -1.05
CA LYS A 166 14.61 -3.81 -1.11
C LYS A 166 13.30 -3.67 -0.32
N ALA A 167 12.49 -4.74 -0.31
CA ALA A 167 11.24 -4.71 0.43
C ALA A 167 11.57 -4.61 1.92
N ALA A 168 12.56 -5.38 2.36
CA ALA A 168 12.97 -5.37 3.76
C ALA A 168 13.55 -3.99 4.10
N LEU A 169 14.28 -3.43 3.15
CA LEU A 169 14.90 -2.12 3.31
C LEU A 169 13.87 -0.99 3.54
N ASP A 170 12.75 -1.04 2.83
CA ASP A 170 11.72 -0.02 2.99
C ASP A 170 11.19 -0.03 4.43
N GLN A 171 11.06 -1.21 5.03
CA GLN A 171 10.57 -1.29 6.40
C GLN A 171 11.68 -0.87 7.36
N TYR A 172 12.93 -1.07 6.95
CA TYR A 172 14.05 -0.67 7.82
C TYR A 172 14.05 0.86 7.84
N THR A 173 13.85 1.46 6.68
CA THR A 173 13.81 2.91 6.54
C THR A 173 12.71 3.50 7.41
N ARG A 174 11.50 2.96 7.29
CA ARG A 174 10.37 3.42 8.08
C ARG A 174 10.64 3.27 9.58
N SER A 175 11.12 2.10 9.97
CA SER A 175 11.35 1.80 11.38
C SER A 175 12.49 2.56 12.05
N THR A 176 13.61 2.76 11.37
CA THR A 176 14.70 3.52 11.96
C THR A 176 14.32 5.00 11.92
N ALA A 177 13.44 5.36 10.98
CA ALA A 177 12.99 6.75 10.91
C ALA A 177 12.24 7.08 12.20
N ILE A 178 11.36 6.16 12.62
CA ILE A 178 10.59 6.35 13.84
C ILE A 178 11.47 6.22 15.08
N ASP A 179 12.32 5.21 15.11
CA ASP A 179 13.22 4.99 16.24
C ASP A 179 14.22 6.15 16.41
N LEU A 180 14.78 6.61 15.30
CA LEU A 180 15.76 7.69 15.36
C LEU A 180 15.21 9.11 15.49
N ALA A 181 13.93 9.29 15.18
CA ALA A 181 13.31 10.61 15.25
C ALA A 181 13.44 11.22 16.66
N LYS A 182 13.46 10.37 17.68
CA LYS A 182 13.59 10.88 19.05
C LYS A 182 14.89 11.64 19.27
N PHE A 183 15.85 11.50 18.37
CA PHE A 183 17.15 12.18 18.47
C PHE A 183 17.26 13.38 17.53
N GLY A 184 16.18 13.71 16.85
CA GLY A 184 16.22 14.84 15.93
C GLY A 184 16.78 14.44 14.57
N ILE A 185 16.90 13.14 14.34
CA ILE A 185 17.41 12.62 13.08
C ILE A 185 16.24 12.40 12.10
N ARG A 186 16.52 12.53 10.81
CA ARG A 186 15.51 12.32 9.76
C ARG A 186 15.97 11.24 8.78
N VAL A 187 15.23 10.14 8.74
CA VAL A 187 15.55 9.05 7.83
C VAL A 187 14.46 9.00 6.74
N ASN A 188 14.88 8.97 5.49
CA ASN A 188 13.98 8.90 4.35
C ASN A 188 14.61 8.05 3.26
N SER A 189 13.94 7.95 2.12
CA SER A 189 14.46 7.12 1.04
C SER A 189 13.89 7.51 -0.31
N VAL A 190 14.45 6.95 -1.37
CA VAL A 190 13.96 7.19 -2.71
C VAL A 190 13.95 5.83 -3.41
N SER A 191 12.86 5.53 -4.10
CA SER A 191 12.71 4.26 -4.79
C SER A 191 12.66 4.53 -6.29
N PRO A 192 13.82 4.43 -6.97
CA PRO A 192 13.86 4.69 -8.40
C PRO A 192 13.30 3.59 -9.28
N GLY A 193 12.93 4.00 -10.48
CA GLY A 193 12.48 3.05 -11.48
C GLY A 193 13.76 2.91 -12.28
N MET A 194 13.67 2.63 -13.58
CA MET A 194 14.86 2.46 -14.40
C MET A 194 15.64 3.76 -14.60
N VAL A 195 16.94 3.71 -14.31
CA VAL A 195 17.80 4.88 -14.49
C VAL A 195 19.06 4.40 -15.17
N GLU A 196 19.54 5.16 -16.15
CA GLU A 196 20.75 4.78 -16.86
C GLU A 196 21.98 5.04 -16.01
N THR A 197 22.62 3.95 -15.60
CA THR A 197 23.81 3.99 -14.76
C THR A 197 24.68 2.78 -15.13
N GLY A 198 25.46 2.28 -14.18
CA GLY A 198 26.29 1.10 -14.46
C GLY A 198 25.61 -0.14 -13.93
N PHE A 199 24.35 0.01 -13.51
CA PHE A 199 23.56 -1.08 -12.95
C PHE A 199 23.41 -2.32 -13.87
N THR A 200 22.94 -2.13 -15.09
CA THR A 200 22.78 -3.26 -16.00
C THR A 200 24.12 -3.89 -16.37
N ASN A 201 25.15 -3.06 -16.54
CA ASN A 201 26.46 -3.56 -16.87
C ASN A 201 26.94 -4.45 -15.74
N ALA A 202 26.77 -3.97 -14.51
CA ALA A 202 27.17 -4.72 -13.33
C ALA A 202 26.48 -6.08 -13.36
N MET A 203 25.32 -6.14 -14.01
CA MET A 203 24.57 -7.39 -14.10
C MET A 203 25.09 -8.31 -15.21
N GLY A 204 26.05 -7.84 -15.98
CA GLY A 204 26.61 -8.65 -17.04
C GLY A 204 26.08 -8.34 -18.43
N MET A 205 25.27 -7.29 -18.53
CA MET A 205 24.69 -6.90 -19.82
C MET A 205 25.64 -6.05 -20.65
N PRO A 206 25.80 -6.38 -21.94
CA PRO A 206 26.69 -5.58 -22.81
C PRO A 206 26.08 -4.20 -22.97
N ASP A 207 26.93 -3.18 -23.15
CA ASP A 207 26.44 -1.82 -23.32
C ASP A 207 25.51 -1.67 -24.50
N GLN A 208 25.59 -2.60 -25.45
CA GLN A 208 24.74 -2.57 -26.63
C GLN A 208 23.33 -3.03 -26.26
N ALA A 209 23.25 -4.06 -25.42
CA ALA A 209 21.97 -4.58 -24.98
C ALA A 209 21.31 -3.58 -24.04
N SER A 210 22.12 -2.97 -23.19
CA SER A 210 21.61 -1.98 -22.24
C SER A 210 20.93 -0.81 -22.93
N GLN A 211 21.59 -0.26 -23.94
CA GLN A 211 21.07 0.87 -24.70
C GLN A 211 19.74 0.48 -25.35
N LYS A 212 19.69 -0.73 -25.91
CA LYS A 212 18.46 -1.21 -26.53
C LYS A 212 17.38 -1.29 -25.47
N PHE A 213 17.76 -1.69 -24.26
CA PHE A 213 16.83 -1.81 -23.14
C PHE A 213 16.28 -0.42 -22.81
N TYR A 214 17.17 0.53 -22.59
CA TYR A 214 16.77 1.90 -22.26
C TYR A 214 15.81 2.47 -23.30
N ASN A 215 16.21 2.40 -24.57
CA ASN A 215 15.40 2.94 -25.66
C ASN A 215 14.02 2.30 -25.73
N PHE A 216 13.97 0.98 -25.55
CA PHE A 216 12.70 0.27 -25.58
C PHE A 216 11.79 0.70 -24.42
N MET A 217 12.36 0.75 -23.22
CA MET A 217 11.59 1.14 -22.04
C MET A 217 11.07 2.57 -22.19
N ALA A 218 11.92 3.45 -22.69
CA ALA A 218 11.55 4.85 -22.87
C ALA A 218 10.52 5.10 -23.97
N SER A 219 10.48 4.24 -24.99
CA SER A 219 9.56 4.42 -26.11
C SER A 219 8.20 3.76 -25.95
N HIS A 220 8.04 2.95 -24.90
CA HIS A 220 6.77 2.27 -24.65
C HIS A 220 6.15 2.80 -23.37
N LYS A 221 5.04 3.52 -23.51
CA LYS A 221 4.35 4.12 -22.38
C LYS A 221 3.95 3.15 -21.28
N GLU A 222 3.78 1.88 -21.64
CA GLU A 222 3.41 0.89 -20.63
C GLU A 222 4.63 0.55 -19.77
N CYS A 223 5.81 0.91 -20.25
CA CYS A 223 7.06 0.66 -19.52
C CYS A 223 7.43 1.91 -18.74
N ILE A 224 7.63 3.03 -19.43
CA ILE A 224 7.92 4.30 -18.76
C ILE A 224 7.02 5.39 -19.32
N PRO A 225 5.85 5.59 -18.67
CA PRO A 225 4.86 6.58 -19.05
C PRO A 225 5.35 7.99 -19.39
N ILE A 226 6.31 8.49 -18.61
CA ILE A 226 6.79 9.84 -18.84
C ILE A 226 7.50 10.00 -20.17
N GLY A 227 7.89 8.89 -20.79
CA GLY A 227 8.50 8.96 -22.10
C GLY A 227 10.00 9.17 -22.23
N ALA A 228 10.72 9.07 -21.11
CA ALA A 228 12.17 9.23 -21.14
C ALA A 228 12.79 8.38 -20.06
N ALA A 229 13.99 7.87 -20.31
CA ALA A 229 14.69 7.04 -19.34
C ALA A 229 15.17 7.93 -18.21
N GLY A 230 15.25 7.38 -17.00
CA GLY A 230 15.72 8.17 -15.88
C GLY A 230 17.22 8.37 -15.95
N LYS A 231 17.69 9.51 -15.46
CA LYS A 231 19.12 9.82 -15.43
C LYS A 231 19.57 9.91 -13.98
N PRO A 232 20.87 9.73 -13.73
CA PRO A 232 21.41 9.79 -12.37
C PRO A 232 20.98 11.04 -11.62
N GLU A 233 20.93 12.15 -12.34
CA GLU A 233 20.56 13.43 -11.76
C GLU A 233 19.12 13.44 -11.24
N HIS A 234 18.23 12.75 -11.94
CA HIS A 234 16.82 12.70 -11.51
C HIS A 234 16.71 12.20 -10.07
N ILE A 235 17.52 11.21 -9.71
CA ILE A 235 17.47 10.66 -8.36
C ILE A 235 18.32 11.49 -7.40
N ALA A 236 19.41 12.04 -7.90
CA ALA A 236 20.29 12.87 -7.08
C ALA A 236 19.56 14.09 -6.55
N ASN A 237 18.75 14.73 -7.39
CA ASN A 237 17.99 15.90 -6.98
C ASN A 237 17.06 15.56 -5.81
N ILE A 238 16.43 14.40 -5.88
CA ILE A 238 15.52 13.97 -4.83
C ILE A 238 16.26 13.68 -3.52
N ILE A 239 17.43 13.06 -3.63
CA ILE A 239 18.23 12.75 -2.44
C ILE A 239 18.65 14.05 -1.75
N LEU A 240 19.12 15.02 -2.54
CA LEU A 240 19.50 16.31 -1.99
C LEU A 240 18.30 16.98 -1.34
N PHE A 241 17.14 16.88 -2.00
CA PHE A 241 15.93 17.47 -1.46
C PHE A 241 15.61 16.88 -0.10
N LEU A 242 15.73 15.56 0.01
CA LEU A 242 15.44 14.86 1.26
C LEU A 242 16.49 15.16 2.33
N ALA A 243 17.70 15.50 1.90
CA ALA A 243 18.78 15.83 2.82
C ALA A 243 18.65 17.28 3.28
N ASP A 244 17.89 18.07 2.51
CA ASP A 244 17.68 19.47 2.83
C ASP A 244 16.56 19.60 3.85
N ARG A 245 16.91 19.52 5.13
CA ARG A 245 15.94 19.61 6.21
C ARG A 245 15.08 20.86 6.12
N ASN A 246 15.71 21.98 5.76
CA ASN A 246 15.02 23.26 5.64
C ASN A 246 13.82 23.15 4.70
N LEU A 247 14.01 22.46 3.58
CA LEU A 247 12.96 22.28 2.59
C LEU A 247 12.00 21.11 2.84
N SER A 248 12.56 19.91 3.00
CA SER A 248 11.75 18.71 3.17
C SER A 248 11.42 18.29 4.60
N PHE A 249 11.83 19.10 5.58
CA PHE A 249 11.60 18.80 7.00
C PHE A 249 10.50 17.81 7.38
N TYR A 250 9.25 18.15 7.04
CA TYR A 250 8.10 17.33 7.43
C TYR A 250 7.94 15.95 6.79
N ILE A 251 8.77 15.64 5.80
CA ILE A 251 8.72 14.31 5.20
C ILE A 251 9.63 13.48 6.10
N LEU A 252 9.11 12.37 6.63
CA LEU A 252 9.89 11.52 7.52
C LEU A 252 9.50 10.05 7.39
N GLY A 253 10.50 9.18 7.17
CA GLY A 253 10.22 7.77 7.03
C GLY A 253 9.46 7.39 5.77
N GLN A 254 9.70 8.15 4.70
CA GLN A 254 9.05 7.89 3.42
C GLN A 254 10.10 7.56 2.38
N SER A 255 9.71 6.75 1.39
CA SER A 255 10.62 6.45 0.30
C SER A 255 9.88 6.87 -0.96
N ILE A 256 10.24 8.05 -1.47
CA ILE A 256 9.62 8.62 -2.66
C ILE A 256 9.89 7.81 -3.93
N VAL A 257 8.82 7.42 -4.61
CA VAL A 257 8.95 6.65 -5.85
C VAL A 257 9.27 7.61 -6.99
N ALA A 258 10.36 7.34 -7.70
CA ALA A 258 10.78 8.16 -8.85
C ALA A 258 11.02 7.17 -10.00
N ASP A 259 9.98 6.88 -10.75
CA ASP A 259 10.09 5.89 -11.83
C ASP A 259 9.40 6.28 -13.13
N GLY A 260 9.08 7.57 -13.29
CA GLY A 260 8.42 7.99 -14.50
C GLY A 260 7.08 7.33 -14.70
N GLY A 261 6.51 6.79 -13.62
CA GLY A 261 5.21 6.13 -13.68
C GLY A 261 5.18 4.62 -13.91
N THR A 262 6.35 4.02 -14.04
CA THR A 262 6.45 2.59 -14.28
C THR A 262 5.63 1.68 -13.36
N SER A 263 5.69 1.96 -12.06
CA SER A 263 4.97 1.15 -11.07
C SER A 263 3.45 1.36 -11.11
N LEU A 264 2.99 2.39 -11.80
CA LEU A 264 1.56 2.67 -11.85
C LEU A 264 0.88 1.95 -13.01
N VAL A 265 1.66 1.24 -13.81
CA VAL A 265 1.15 0.53 -14.97
C VAL A 265 0.93 -0.96 -14.73
N MET A 266 -0.30 -1.41 -14.94
CA MET A 266 -0.64 -2.81 -14.76
C MET A 266 -0.26 -3.60 -16.01
N GLY A 267 0.10 -4.86 -15.83
CA GLY A 267 0.48 -5.70 -16.97
C GLY A 267 -0.57 -5.73 -18.08
N THR A 268 -1.83 -5.83 -17.70
CA THR A 268 -2.93 -5.87 -18.67
C THR A 268 -2.98 -4.59 -19.50
N GLN A 269 -2.52 -3.48 -18.92
CA GLN A 269 -2.53 -2.21 -19.61
C GLN A 269 -1.47 -2.08 -20.71
N ALA A 270 -0.77 -3.17 -20.99
CA ALA A 270 0.24 -3.17 -22.04
C ALA A 270 -0.50 -3.48 -23.35
N HIS A 271 -1.73 -3.96 -23.19
CA HIS A 271 -2.59 -4.31 -24.31
C HIS A 271 -3.77 -3.34 -24.37
N ASP A 272 -4.18 -3.00 -25.59
CA ASP A 272 -5.30 -2.08 -25.79
C ASP A 272 -6.62 -2.85 -25.84
N VAL A 273 -7.70 -2.19 -25.43
CA VAL A 273 -9.02 -2.80 -25.42
C VAL A 273 -9.43 -3.28 -26.81
N PRO B 2 13.84 32.92 -9.37
CA PRO B 2 13.94 32.77 -10.83
C PRO B 2 13.56 31.36 -11.26
N ARG B 3 13.27 30.50 -10.28
CA ARG B 3 12.90 29.11 -10.56
C ARG B 3 11.69 29.02 -11.47
N PHE B 4 10.70 29.87 -11.20
CA PHE B 4 9.46 29.86 -11.98
C PHE B 4 9.20 31.16 -12.73
N SER B 5 10.26 31.75 -13.26
CA SER B 5 10.13 32.98 -14.03
C SER B 5 9.34 32.69 -15.30
N ASN B 6 8.35 33.52 -15.59
CA ASN B 6 7.53 33.35 -16.79
C ASN B 6 6.63 32.11 -16.77
N LYS B 7 6.19 31.72 -15.58
CA LYS B 7 5.31 30.56 -15.45
C LYS B 7 4.05 31.04 -14.74
N THR B 8 2.89 30.71 -15.29
CA THR B 8 1.63 31.11 -14.68
C THR B 8 1.09 29.96 -13.83
N VAL B 9 0.89 30.24 -12.55
CA VAL B 9 0.42 29.23 -11.60
C VAL B 9 -0.91 29.59 -10.94
N ILE B 10 -1.88 28.68 -11.04
CA ILE B 10 -3.17 28.89 -10.40
C ILE B 10 -3.12 28.14 -9.08
N ILE B 11 -3.37 28.85 -7.97
CA ILE B 11 -3.34 28.21 -6.66
C ILE B 11 -4.72 28.28 -6.02
N THR B 12 -5.48 27.19 -6.05
CA THR B 12 -6.80 27.25 -5.41
C THR B 12 -6.61 27.26 -3.90
N GLY B 13 -7.57 27.82 -3.18
CA GLY B 13 -7.48 27.90 -1.74
C GLY B 13 -6.26 28.65 -1.24
N SER B 14 -5.89 29.74 -1.92
CA SER B 14 -4.74 30.53 -1.50
C SER B 14 -5.09 31.75 -0.65
N SER B 15 -6.31 31.80 -0.13
CA SER B 15 -6.71 32.92 0.70
C SER B 15 -6.40 32.59 2.16
N ASN B 16 -5.80 31.42 2.40
CA ASN B 16 -5.46 31.00 3.76
C ASN B 16 -4.61 29.73 3.75
N GLY B 17 -4.04 29.41 4.92
CA GLY B 17 -3.22 28.21 5.09
C GLY B 17 -2.13 27.89 4.09
N ILE B 18 -2.09 26.62 3.67
CA ILE B 18 -1.09 26.11 2.73
C ILE B 18 -1.15 26.80 1.38
N GLY B 19 -2.35 27.05 0.88
CA GLY B 19 -2.48 27.72 -0.41
C GLY B 19 -1.88 29.11 -0.40
N ARG B 20 -2.07 29.84 0.69
CA ARG B 20 -1.53 31.18 0.83
C ARG B 20 -0.02 31.19 0.74
N THR B 21 0.63 30.37 1.57
CA THR B 21 2.09 30.31 1.57
C THR B 21 2.66 29.76 0.27
N THR B 22 1.93 28.86 -0.37
CA THR B 22 2.37 28.28 -1.64
C THR B 22 2.40 29.35 -2.72
N ALA B 23 1.35 30.16 -2.78
CA ALA B 23 1.27 31.23 -3.77
C ALA B 23 2.38 32.25 -3.53
N ILE B 24 2.66 32.51 -2.25
CA ILE B 24 3.70 33.47 -1.90
C ILE B 24 5.07 32.99 -2.38
N LEU B 25 5.36 31.70 -2.21
CA LEU B 25 6.64 31.19 -2.67
C LEU B 25 6.73 31.23 -4.18
N PHE B 26 5.68 30.79 -4.87
CA PHE B 26 5.67 30.81 -6.33
C PHE B 26 5.93 32.23 -6.82
N ALA B 27 5.28 33.20 -6.16
CA ALA B 27 5.45 34.60 -6.53
C ALA B 27 6.91 35.00 -6.38
N GLN B 28 7.47 34.77 -5.20
CA GLN B 28 8.87 35.10 -4.96
C GLN B 28 9.78 34.42 -5.96
N GLU B 29 9.32 33.28 -6.49
CA GLU B 29 10.09 32.52 -7.47
C GLU B 29 9.95 33.11 -8.86
N GLY B 30 9.29 34.26 -8.96
CA GLY B 30 9.11 34.93 -10.25
C GLY B 30 7.97 34.46 -11.12
N ALA B 31 6.98 33.78 -10.54
CA ALA B 31 5.87 33.29 -11.33
C ALA B 31 4.65 34.21 -11.33
N ASN B 32 3.80 34.04 -12.34
CA ASN B 32 2.55 34.77 -12.44
C ASN B 32 1.64 33.94 -11.57
N VAL B 33 0.93 34.56 -10.63
CA VAL B 33 0.08 33.78 -9.75
C VAL B 33 -1.37 34.24 -9.68
N THR B 34 -2.26 33.26 -9.75
CA THR B 34 -3.68 33.53 -9.63
C THR B 34 -4.06 32.95 -8.28
N ILE B 35 -4.37 33.85 -7.34
CA ILE B 35 -4.76 33.44 -6.00
C ILE B 35 -6.27 33.55 -5.94
N THR B 36 -6.91 32.65 -5.19
CA THR B 36 -8.37 32.67 -5.13
C THR B 36 -8.94 32.06 -3.84
N GLY B 37 -10.16 32.47 -3.51
CA GLY B 37 -10.82 31.99 -2.32
C GLY B 37 -12.18 32.66 -2.22
N ARG B 38 -12.89 32.46 -1.11
CA ARG B 38 -14.21 33.06 -0.92
C ARG B 38 -14.16 34.33 -0.05
N SER B 39 -13.32 34.31 0.99
CA SER B 39 -13.20 35.45 1.89
C SER B 39 -12.34 36.53 1.23
N SER B 40 -13.00 37.62 0.84
CA SER B 40 -12.34 38.75 0.18
C SER B 40 -11.24 39.35 1.03
N GLU B 41 -11.49 39.45 2.33
CA GLU B 41 -10.53 40.03 3.26
C GLU B 41 -9.23 39.22 3.35
N ARG B 42 -9.35 37.92 3.54
CA ARG B 42 -8.17 37.09 3.64
C ARG B 42 -7.46 36.92 2.31
N LEU B 43 -8.21 37.01 1.21
CA LEU B 43 -7.60 36.90 -0.11
C LEU B 43 -6.69 38.09 -0.37
N GLU B 44 -7.17 39.27 0.02
CA GLU B 44 -6.40 40.51 -0.15
C GLU B 44 -5.14 40.47 0.71
N GLU B 45 -5.26 39.86 1.88
CA GLU B 45 -4.15 39.72 2.81
C GLU B 45 -3.02 38.95 2.11
N THR B 46 -3.39 37.93 1.35
CA THR B 46 -2.41 37.14 0.62
C THR B 46 -1.79 38.04 -0.45
N ARG B 47 -2.65 38.79 -1.13
CA ARG B 47 -2.20 39.71 -2.16
C ARG B 47 -1.18 40.70 -1.57
N GLN B 48 -1.51 41.24 -0.40
CA GLN B 48 -0.62 42.19 0.28
C GLN B 48 0.72 41.59 0.66
N ILE B 49 0.70 40.35 1.15
CA ILE B 49 1.95 39.69 1.53
C ILE B 49 2.86 39.64 0.31
N ILE B 50 2.27 39.38 -0.85
CA ILE B 50 3.01 39.30 -2.10
C ILE B 50 3.52 40.65 -2.59
N LEU B 51 2.69 41.68 -2.53
CA LEU B 51 3.12 43.00 -2.96
C LEU B 51 4.30 43.46 -2.10
N LYS B 52 4.18 43.30 -0.79
CA LYS B 52 5.24 43.68 0.14
C LYS B 52 6.55 42.95 -0.14
N SER B 53 6.49 41.99 -1.07
CA SER B 53 7.67 41.22 -1.44
C SER B 53 8.43 41.89 -2.57
N GLY B 54 7.87 42.96 -3.11
CA GLY B 54 8.51 43.66 -4.20
C GLY B 54 8.03 43.09 -5.52
N VAL B 55 7.00 42.25 -5.45
CA VAL B 55 6.42 41.63 -6.62
C VAL B 55 5.30 42.52 -7.15
N SER B 56 5.33 42.78 -8.45
CA SER B 56 4.32 43.62 -9.09
C SER B 56 2.93 43.01 -9.01
N GLU B 57 1.92 43.88 -9.05
CA GLU B 57 0.53 43.42 -9.01
C GLU B 57 0.13 42.93 -10.39
N LYS B 58 1.01 43.17 -11.37
CA LYS B 58 0.77 42.75 -12.73
C LYS B 58 1.04 41.25 -12.82
N GLN B 59 1.75 40.75 -11.81
CA GLN B 59 2.08 39.32 -11.73
C GLN B 59 1.10 38.61 -10.82
N VAL B 60 0.10 39.35 -10.32
CA VAL B 60 -0.87 38.75 -9.44
C VAL B 60 -2.32 38.97 -9.86
N ASN B 61 -3.09 37.87 -9.87
CA ASN B 61 -4.50 37.92 -10.23
C ASN B 61 -5.33 37.30 -9.12
N SER B 62 -5.98 38.15 -8.34
CA SER B 62 -6.81 37.69 -7.24
C SER B 62 -8.25 37.54 -7.70
N VAL B 63 -8.84 36.37 -7.43
CA VAL B 63 -10.22 36.09 -7.84
C VAL B 63 -11.08 35.56 -6.70
N VAL B 64 -12.13 36.31 -6.36
CA VAL B 64 -13.04 35.88 -5.31
C VAL B 64 -14.04 34.94 -5.97
N ALA B 65 -14.02 33.66 -5.58
CA ALA B 65 -14.93 32.71 -6.18
C ALA B 65 -15.10 31.41 -5.40
N ASP B 66 -16.16 30.68 -5.73
CA ASP B 66 -16.47 29.41 -5.09
C ASP B 66 -15.97 28.37 -6.08
N VAL B 67 -14.94 27.62 -5.70
CA VAL B 67 -14.36 26.62 -6.59
C VAL B 67 -15.25 25.41 -6.86
N THR B 68 -16.38 25.30 -6.16
CA THR B 68 -17.27 24.17 -6.37
C THR B 68 -18.37 24.50 -7.37
N THR B 69 -18.39 25.75 -7.84
CA THR B 69 -19.40 26.17 -8.82
C THR B 69 -18.75 26.31 -10.20
N GLU B 70 -19.55 26.05 -11.24
CA GLU B 70 -19.08 26.15 -12.61
C GLU B 70 -18.60 27.57 -12.93
N ASP B 71 -19.38 28.57 -12.51
CA ASP B 71 -19.02 29.96 -12.75
C ASP B 71 -17.73 30.33 -12.02
N GLY B 72 -17.62 29.89 -10.77
CA GLY B 72 -16.43 30.18 -9.99
C GLY B 72 -15.19 29.62 -10.65
N GLN B 73 -15.28 28.35 -11.07
CA GLN B 73 -14.18 27.68 -11.74
C GLN B 73 -13.82 28.43 -13.03
N ASP B 74 -14.84 28.76 -13.81
CA ASP B 74 -14.65 29.47 -15.08
C ASP B 74 -13.96 30.82 -14.88
N GLN B 75 -14.34 31.53 -13.82
CA GLN B 75 -13.75 32.83 -13.53
C GLN B 75 -12.27 32.72 -13.22
N ILE B 76 -11.90 31.71 -12.44
CA ILE B 76 -10.49 31.48 -12.07
C ILE B 76 -9.64 31.25 -13.31
N ILE B 77 -10.12 30.37 -14.19
CA ILE B 77 -9.40 30.03 -15.41
C ILE B 77 -9.34 31.18 -16.41
N ASN B 78 -10.47 31.83 -16.64
CA ASN B 78 -10.55 32.94 -17.60
C ASN B 78 -9.73 34.16 -17.20
N SER B 79 -9.82 34.55 -15.94
CA SER B 79 -9.08 35.72 -15.45
C SER B 79 -7.58 35.47 -15.53
N THR B 80 -7.17 34.22 -15.43
CA THR B 80 -5.75 33.88 -15.51
C THR B 80 -5.28 34.04 -16.96
N LEU B 81 -6.02 33.45 -17.88
CA LEU B 81 -5.67 33.53 -19.29
C LEU B 81 -5.76 34.97 -19.78
N LYS B 82 -6.78 35.70 -19.32
CA LYS B 82 -6.96 37.09 -19.73
C LYS B 82 -5.79 37.96 -19.29
N GLN B 83 -5.29 37.72 -18.09
CA GLN B 83 -4.18 38.50 -17.58
C GLN B 83 -2.80 37.93 -17.90
N PHE B 84 -2.72 36.63 -18.15
CA PHE B 84 -1.42 36.02 -18.43
C PHE B 84 -1.29 35.33 -19.78
N GLY B 85 -2.42 34.97 -20.39
CA GLY B 85 -2.39 34.33 -21.69
C GLY B 85 -2.06 32.84 -21.73
N LYS B 86 -1.95 32.20 -20.57
CA LYS B 86 -1.66 30.77 -20.54
C LYS B 86 -1.64 30.22 -19.11
N ILE B 87 -1.53 28.90 -18.99
CA ILE B 87 -1.50 28.23 -17.69
C ILE B 87 -0.37 27.20 -17.72
N ASP B 88 0.56 27.30 -16.77
CA ASP B 88 1.68 26.37 -16.70
C ASP B 88 1.48 25.35 -15.59
N VAL B 89 0.83 25.76 -14.51
CA VAL B 89 0.61 24.83 -13.42
C VAL B 89 -0.67 25.11 -12.63
N LEU B 90 -1.33 24.04 -12.24
CA LEU B 90 -2.54 24.13 -11.44
C LEU B 90 -2.27 23.39 -10.13
N VAL B 91 -2.54 24.06 -9.01
CA VAL B 91 -2.36 23.40 -7.73
C VAL B 91 -3.71 23.33 -7.07
N ASN B 92 -4.30 22.14 -7.08
CA ASN B 92 -5.59 21.91 -6.47
C ASN B 92 -5.38 21.78 -4.96
N ASN B 93 -5.37 22.92 -4.27
CA ASN B 93 -5.17 22.95 -2.83
C ASN B 93 -6.42 23.11 -1.97
N ALA B 94 -7.43 23.80 -2.48
CA ALA B 94 -8.65 24.01 -1.70
C ALA B 94 -9.31 22.72 -1.22
N GLY B 95 -9.70 22.71 0.04
CA GLY B 95 -10.33 21.54 0.62
C GLY B 95 -10.68 21.83 2.06
N ALA B 96 -11.52 20.99 2.65
CA ALA B 96 -11.92 21.17 4.04
C ALA B 96 -12.70 19.97 4.56
N ALA B 97 -12.64 19.76 5.87
CA ALA B 97 -13.39 18.69 6.50
C ALA B 97 -14.68 19.38 6.94
N ILE B 98 -15.71 19.26 6.12
CA ILE B 98 -16.99 19.88 6.41
C ILE B 98 -17.73 19.16 7.53
N PRO B 99 -17.99 19.86 8.64
CA PRO B 99 -18.69 19.30 9.80
C PRO B 99 -20.20 19.36 9.66
N ASP B 100 -20.88 18.64 10.54
CA ASP B 100 -22.33 18.61 10.56
C ASP B 100 -22.79 19.71 11.52
N ALA B 101 -24.07 20.08 11.45
CA ALA B 101 -24.61 21.11 12.31
C ALA B 101 -24.63 20.68 13.78
N PHE B 102 -24.51 19.37 14.01
CA PHE B 102 -24.51 18.83 15.36
C PHE B 102 -23.19 18.17 15.76
N GLY B 103 -22.15 18.41 14.97
CA GLY B 103 -20.86 17.81 15.28
C GLY B 103 -20.90 16.30 15.20
N THR B 104 -21.82 15.80 14.38
CA THR B 104 -21.98 14.36 14.18
C THR B 104 -20.76 13.77 13.47
N THR B 105 -20.27 12.65 13.97
CA THR B 105 -19.13 11.98 13.38
C THR B 105 -19.44 10.50 13.18
N GLY B 106 -18.61 9.83 12.38
CA GLY B 106 -18.83 8.41 12.14
C GLY B 106 -19.82 8.10 11.04
N THR B 107 -20.25 6.85 11.00
CA THR B 107 -21.18 6.37 9.99
C THR B 107 -22.49 7.15 9.92
N ASP B 108 -22.88 7.80 11.01
CA ASP B 108 -24.13 8.57 11.06
C ASP B 108 -24.14 9.91 10.33
N GLN B 109 -22.97 10.40 9.92
CA GLN B 109 -22.93 11.67 9.20
C GLN B 109 -23.89 11.61 8.03
N GLY B 110 -24.73 12.63 7.92
CA GLY B 110 -25.71 12.68 6.86
C GLY B 110 -25.15 12.72 5.46
N ILE B 111 -25.95 12.22 4.52
CA ILE B 111 -25.59 12.17 3.12
C ILE B 111 -25.34 13.59 2.58
N ASP B 112 -25.84 14.59 3.30
CA ASP B 112 -25.65 15.97 2.90
C ASP B 112 -24.19 16.36 3.11
N ILE B 113 -23.59 15.84 4.18
CA ILE B 113 -22.19 16.11 4.47
C ILE B 113 -21.38 15.45 3.36
N TYR B 114 -21.79 14.24 3.00
CA TYR B 114 -21.13 13.49 1.93
C TYR B 114 -21.07 14.33 0.65
N HIS B 115 -22.24 14.78 0.21
CA HIS B 115 -22.34 15.58 -1.01
C HIS B 115 -21.46 16.82 -0.96
N LYS B 116 -21.59 17.60 0.12
CA LYS B 116 -20.80 18.81 0.28
C LYS B 116 -19.30 18.57 0.32
N THR B 117 -18.85 17.55 1.05
CA THR B 117 -17.42 17.26 1.13
C THR B 117 -16.81 16.79 -0.19
N LEU B 118 -17.47 15.87 -0.87
CA LEU B 118 -16.94 15.38 -2.13
C LEU B 118 -16.93 16.46 -3.22
N LYS B 119 -17.95 17.31 -3.21
CA LYS B 119 -18.08 18.37 -4.20
C LYS B 119 -16.84 19.26 -4.15
N LEU B 120 -16.37 19.55 -2.94
CA LEU B 120 -15.19 20.39 -2.74
C LEU B 120 -13.84 19.66 -2.84
N ASN B 121 -13.70 18.59 -2.06
CA ASN B 121 -12.45 17.85 -2.02
C ASN B 121 -12.16 16.92 -3.19
N LEU B 122 -13.16 16.62 -4.02
CA LEU B 122 -12.95 15.75 -5.17
C LEU B 122 -13.49 16.33 -6.48
N GLN B 123 -14.79 16.56 -6.54
CA GLN B 123 -15.41 17.07 -7.76
C GLN B 123 -14.73 18.35 -8.29
N ALA B 124 -14.45 19.30 -7.40
CA ALA B 124 -13.81 20.55 -7.82
C ALA B 124 -12.45 20.27 -8.43
N VAL B 125 -11.72 19.32 -7.83
CA VAL B 125 -10.41 18.97 -8.34
C VAL B 125 -10.54 18.43 -9.76
N ILE B 126 -11.54 17.59 -9.96
CA ILE B 126 -11.82 16.99 -11.26
C ILE B 126 -12.18 18.04 -12.31
N GLU B 127 -13.08 18.95 -11.95
CA GLU B 127 -13.52 20.00 -12.87
C GLU B 127 -12.40 20.99 -13.21
N MET B 128 -11.60 21.37 -12.21
CA MET B 128 -10.50 22.28 -12.46
C MET B 128 -9.48 21.61 -13.38
N THR B 129 -9.25 20.31 -13.16
CA THR B 129 -8.32 19.55 -13.98
C THR B 129 -8.75 19.50 -15.44
N LYS B 130 -10.02 19.21 -15.66
CA LYS B 130 -10.54 19.12 -17.02
C LYS B 130 -10.51 20.49 -17.72
N LYS B 131 -10.84 21.55 -16.99
CA LYS B 131 -10.85 22.90 -17.57
C LYS B 131 -9.46 23.46 -17.84
N VAL B 132 -8.47 23.06 -17.06
CA VAL B 132 -7.10 23.54 -17.28
C VAL B 132 -6.37 22.64 -18.26
N LYS B 133 -6.85 21.41 -18.41
CA LYS B 133 -6.23 20.41 -19.28
C LYS B 133 -5.70 20.84 -20.64
N PRO B 134 -6.57 21.38 -21.51
CA PRO B 134 -6.05 21.79 -22.84
C PRO B 134 -4.96 22.85 -22.76
N HIS B 135 -5.04 23.69 -21.73
CA HIS B 135 -4.05 24.74 -21.55
C HIS B 135 -2.73 24.16 -21.09
N LEU B 136 -2.81 23.04 -20.36
CA LEU B 136 -1.60 22.37 -19.88
C LEU B 136 -1.02 21.56 -21.03
N VAL B 137 -1.88 21.07 -21.91
CA VAL B 137 -1.41 20.30 -23.06
C VAL B 137 -0.53 21.23 -23.91
N ALA B 138 -0.98 22.47 -24.10
CA ALA B 138 -0.24 23.45 -24.88
C ALA B 138 1.08 23.86 -24.22
N SER B 139 1.05 24.07 -22.92
CA SER B 139 2.25 24.48 -22.20
C SER B 139 3.05 23.32 -21.63
N LYS B 140 2.59 22.09 -21.87
CA LYS B 140 3.26 20.92 -21.31
C LYS B 140 3.46 21.24 -19.83
N GLY B 141 2.37 21.69 -19.22
CA GLY B 141 2.38 22.09 -17.81
C GLY B 141 2.33 20.99 -16.78
N GLU B 142 1.91 21.35 -15.57
CA GLU B 142 1.83 20.39 -14.48
C GLU B 142 0.66 20.61 -13.53
N ILE B 143 0.37 19.58 -12.74
CA ILE B 143 -0.70 19.66 -11.76
C ILE B 143 -0.16 19.12 -10.45
N VAL B 144 -0.48 19.82 -9.36
CA VAL B 144 -0.06 19.37 -8.05
C VAL B 144 -1.26 19.44 -7.13
N ASN B 145 -1.75 18.27 -6.72
CA ASN B 145 -2.91 18.21 -5.84
C ASN B 145 -2.49 18.10 -4.38
N VAL B 146 -3.35 18.55 -3.49
CA VAL B 146 -3.07 18.46 -2.06
C VAL B 146 -4.08 17.48 -1.48
N SER B 147 -3.58 16.35 -0.99
CA SER B 147 -4.44 15.33 -0.43
C SER B 147 -4.35 15.32 1.10
N SER B 148 -4.18 14.15 1.69
CA SER B 148 -4.08 14.00 3.15
C SER B 148 -3.81 12.54 3.52
N ILE B 149 -3.15 12.29 4.64
CA ILE B 149 -2.91 10.91 5.04
C ILE B 149 -4.23 10.27 5.49
N VAL B 150 -5.28 11.07 5.60
CA VAL B 150 -6.58 10.55 6.01
C VAL B 150 -7.17 9.68 4.88
N ALA B 151 -6.57 9.77 3.70
CA ALA B 151 -7.02 8.98 2.56
C ALA B 151 -6.81 7.48 2.84
N GLY B 152 -5.90 7.17 3.75
CA GLY B 152 -5.58 5.79 4.06
C GLY B 152 -4.08 5.70 4.17
N PRO B 153 -3.50 4.50 4.37
CA PRO B 153 -4.17 3.20 4.50
C PRO B 153 -4.86 2.93 5.85
N GLN B 154 -4.68 3.83 6.80
CA GLN B 154 -5.33 3.65 8.10
C GLN B 154 -6.78 4.15 8.02
N ALA B 155 -7.64 3.63 8.89
CA ALA B 155 -9.04 4.02 8.90
C ALA B 155 -9.21 5.40 9.53
N GLN B 156 -10.26 6.10 9.11
CA GLN B 156 -10.57 7.43 9.64
C GLN B 156 -12.08 7.43 9.91
N PRO B 157 -12.50 6.79 11.01
CA PRO B 157 -13.87 6.64 11.49
C PRO B 157 -14.68 7.83 12.01
N ASP B 158 -14.15 9.04 11.93
CA ASP B 158 -14.90 10.20 12.43
C ASP B 158 -15.44 11.06 11.30
N PHE B 159 -14.55 11.47 10.39
CA PHE B 159 -14.96 12.26 9.24
C PHE B 159 -14.70 11.38 8.02
N LEU B 160 -15.55 10.37 7.89
CA LEU B 160 -15.48 9.39 6.81
C LEU B 160 -15.57 9.96 5.39
N TYR B 161 -16.46 10.92 5.14
CA TYR B 161 -16.60 11.45 3.80
C TYR B 161 -15.37 12.25 3.38
N TYR B 162 -14.77 12.95 4.32
CA TYR B 162 -13.57 13.72 4.03
C TYR B 162 -12.46 12.71 3.66
N ALA B 163 -12.42 11.63 4.42
CA ALA B 163 -11.43 10.57 4.20
C ALA B 163 -11.57 9.88 2.85
N ILE B 164 -12.77 9.45 2.50
CA ILE B 164 -12.95 8.76 1.23
C ILE B 164 -12.78 9.71 0.05
N ALA B 165 -13.09 10.99 0.23
CA ALA B 165 -12.90 11.93 -0.86
C ALA B 165 -11.42 12.03 -1.18
N LYS B 166 -10.57 12.02 -0.14
CA LYS B 166 -9.13 12.10 -0.37
C LYS B 166 -8.61 10.79 -0.97
N ALA B 167 -9.20 9.68 -0.55
CA ALA B 167 -8.81 8.37 -1.07
C ALA B 167 -9.11 8.35 -2.58
N ALA B 168 -10.25 8.91 -2.96
CA ALA B 168 -10.61 8.97 -4.38
C ALA B 168 -9.65 9.92 -5.10
N LEU B 169 -9.25 10.96 -4.40
CA LEU B 169 -8.33 11.97 -4.95
C LEU B 169 -7.02 11.31 -5.35
N ASP B 170 -6.49 10.47 -4.46
CA ASP B 170 -5.23 9.78 -4.72
C ASP B 170 -5.29 8.96 -6.00
N GLN B 171 -6.37 8.20 -6.22
CA GLN B 171 -6.46 7.43 -7.45
C GLN B 171 -6.68 8.37 -8.62
N TYR B 172 -7.31 9.53 -8.39
CA TYR B 172 -7.51 10.48 -9.48
C TYR B 172 -6.15 11.07 -9.88
N THR B 173 -5.31 11.34 -8.88
CA THR B 173 -3.99 11.87 -9.15
C THR B 173 -3.20 10.86 -9.97
N ARG B 174 -3.14 9.63 -9.49
CA ARG B 174 -2.40 8.58 -10.19
C ARG B 174 -2.89 8.38 -11.61
N SER B 175 -4.20 8.25 -11.76
CA SER B 175 -4.81 7.99 -13.05
C SER B 175 -4.67 9.11 -14.09
N THR B 176 -4.89 10.36 -13.67
CA THR B 176 -4.73 11.45 -14.63
C THR B 176 -3.23 11.65 -14.93
N ALA B 177 -2.36 11.25 -13.99
CA ALA B 177 -0.92 11.39 -14.21
C ALA B 177 -0.49 10.50 -15.38
N ILE B 178 -0.98 9.27 -15.40
CA ILE B 178 -0.67 8.33 -16.47
C ILE B 178 -1.32 8.74 -17.79
N ASP B 179 -2.55 9.21 -17.69
CA ASP B 179 -3.31 9.65 -18.86
C ASP B 179 -2.66 10.88 -19.48
N LEU B 180 -2.39 11.89 -18.65
CA LEU B 180 -1.82 13.14 -19.14
C LEU B 180 -0.34 13.06 -19.48
N ALA B 181 0.34 12.00 -19.06
CA ALA B 181 1.76 11.87 -19.34
C ALA B 181 2.05 11.81 -20.85
N LYS B 182 1.12 11.29 -21.63
CA LYS B 182 1.37 11.21 -23.07
C LYS B 182 1.41 12.59 -23.72
N PHE B 183 0.99 13.62 -22.99
CA PHE B 183 1.00 14.98 -23.53
C PHE B 183 2.10 15.83 -22.89
N GLY B 184 3.03 15.18 -22.20
CA GLY B 184 4.13 15.88 -21.56
C GLY B 184 3.78 16.60 -20.27
N ILE B 185 2.63 16.28 -19.71
CA ILE B 185 2.17 16.89 -18.47
C ILE B 185 2.60 16.03 -17.29
N ARG B 186 2.92 16.68 -16.18
CA ARG B 186 3.30 15.95 -14.97
C ARG B 186 2.28 16.27 -13.87
N VAL B 187 1.64 15.22 -13.37
CA VAL B 187 0.67 15.38 -12.29
C VAL B 187 1.19 14.66 -11.05
N ASN B 188 1.22 15.37 -9.93
CA ASN B 188 1.68 14.79 -8.67
C ASN B 188 0.83 15.33 -7.53
N SER B 189 1.19 14.98 -6.29
CA SER B 189 0.43 15.40 -5.14
C SER B 189 1.26 15.37 -3.87
N VAL B 190 0.70 15.91 -2.79
CA VAL B 190 1.36 15.88 -1.49
C VAL B 190 0.25 15.56 -0.50
N SER B 191 0.51 14.62 0.42
CA SER B 191 -0.48 14.24 1.41
C SER B 191 0.02 14.67 2.79
N PRO B 192 -0.41 15.86 3.24
CA PRO B 192 -0.01 16.38 4.54
C PRO B 192 -0.56 15.65 5.75
N GLY B 193 0.16 15.78 6.84
CA GLY B 193 -0.27 15.26 8.12
C GLY B 193 -0.79 16.54 8.74
N MET B 194 -0.76 16.66 10.07
CA MET B 194 -1.27 17.89 10.69
C MET B 194 -0.43 19.12 10.34
N VAL B 195 -1.09 20.19 9.96
CA VAL B 195 -0.38 21.44 9.66
C VAL B 195 -1.20 22.57 10.25
N GLU B 196 -0.51 23.54 10.85
CA GLU B 196 -1.20 24.67 11.46
C GLU B 196 -1.61 25.68 10.39
N THR B 197 -2.91 25.72 10.12
CA THR B 197 -3.49 26.62 9.13
C THR B 197 -4.88 27.03 9.65
N GLY B 198 -5.80 27.31 8.72
CA GLY B 198 -7.13 27.70 9.13
C GLY B 198 -8.08 26.51 9.13
N PHE B 199 -7.55 25.34 8.79
CA PHE B 199 -8.32 24.10 8.71
C PHE B 199 -9.21 23.81 9.91
N THR B 200 -8.61 23.71 11.10
CA THR B 200 -9.38 23.42 12.30
C THR B 200 -10.42 24.50 12.60
N ASN B 201 -10.07 25.74 12.34
CA ASN B 201 -10.99 26.85 12.58
C ASN B 201 -12.18 26.72 11.65
N ALA B 202 -11.93 26.29 10.43
CA ALA B 202 -13.00 26.12 9.45
C ALA B 202 -13.97 25.03 9.89
N MET B 203 -13.46 24.08 10.68
CA MET B 203 -14.28 22.98 11.19
C MET B 203 -15.14 23.42 12.37
N GLY B 204 -14.85 24.59 12.92
CA GLY B 204 -15.61 25.08 14.06
C GLY B 204 -14.80 25.17 15.33
N MET B 205 -13.54 24.74 15.28
CA MET B 205 -12.66 24.78 16.44
C MET B 205 -12.19 26.20 16.78
N PRO B 206 -12.32 26.59 18.05
CA PRO B 206 -11.89 27.93 18.47
C PRO B 206 -10.36 27.97 18.42
N ASP B 207 -9.79 29.15 18.24
CA ASP B 207 -8.33 29.29 18.18
C ASP B 207 -7.59 28.68 19.37
N GLN B 208 -8.12 28.85 20.58
CA GLN B 208 -7.46 28.31 21.76
C GLN B 208 -7.50 26.79 21.83
N ALA B 209 -8.60 26.20 21.36
CA ALA B 209 -8.73 24.75 21.36
C ALA B 209 -7.79 24.17 20.29
N SER B 210 -7.66 24.88 19.18
CA SER B 210 -6.79 24.44 18.10
C SER B 210 -5.34 24.45 18.56
N GLN B 211 -4.97 25.50 19.31
CA GLN B 211 -3.60 25.60 19.80
C GLN B 211 -3.32 24.43 20.74
N LYS B 212 -4.32 24.04 21.53
CA LYS B 212 -4.17 22.93 22.46
C LYS B 212 -3.99 21.63 21.68
N PHE B 213 -4.66 21.55 20.53
CA PHE B 213 -4.58 20.38 19.67
C PHE B 213 -3.15 20.24 19.16
N TYR B 214 -2.60 21.35 18.64
CA TYR B 214 -1.25 21.38 18.10
C TYR B 214 -0.19 20.98 19.11
N ASN B 215 -0.27 21.54 20.32
CA ASN B 215 0.71 21.26 21.35
C ASN B 215 0.68 19.80 21.78
N PHE B 216 -0.52 19.23 21.87
CA PHE B 216 -0.64 17.84 22.27
C PHE B 216 -0.02 16.96 21.18
N MET B 217 -0.46 17.16 19.94
CA MET B 217 0.05 16.40 18.80
C MET B 217 1.56 16.49 18.70
N ALA B 218 2.10 17.71 18.77
CA ALA B 218 3.53 17.92 18.66
C ALA B 218 4.37 17.35 19.81
N SER B 219 3.82 17.36 21.02
CA SER B 219 4.56 16.87 22.19
C SER B 219 4.51 15.37 22.45
N HIS B 220 3.63 14.65 21.74
CA HIS B 220 3.54 13.19 21.93
C HIS B 220 4.09 12.49 20.70
N LYS B 221 5.11 11.66 20.89
CA LYS B 221 5.73 10.98 19.76
C LYS B 221 4.83 10.00 19.02
N GLU B 222 3.81 9.46 19.70
CA GLU B 222 2.91 8.54 19.01
C GLU B 222 1.99 9.32 18.08
N CYS B 223 1.93 10.64 18.28
CA CYS B 223 1.09 11.50 17.45
C CYS B 223 1.90 12.07 16.30
N ILE B 224 2.97 12.79 16.61
CA ILE B 224 3.84 13.35 15.59
C ILE B 224 5.28 13.07 15.99
N PRO B 225 5.85 11.95 15.50
CA PRO B 225 7.21 11.49 15.77
C PRO B 225 8.33 12.52 15.61
N ILE B 226 8.18 13.44 14.67
CA ILE B 226 9.21 14.44 14.45
C ILE B 226 9.28 15.49 15.57
N GLY B 227 8.24 15.53 16.40
CA GLY B 227 8.23 16.46 17.53
C GLY B 227 7.94 17.92 17.24
N ALA B 228 7.42 18.21 16.06
CA ALA B 228 7.09 19.58 15.70
C ALA B 228 5.79 19.59 14.89
N ALA B 229 5.00 20.64 15.05
CA ALA B 229 3.75 20.76 14.32
C ALA B 229 4.08 21.19 12.90
N GLY B 230 3.32 20.66 11.94
CA GLY B 230 3.58 21.04 10.56
C GLY B 230 3.25 22.51 10.35
N LYS B 231 3.99 23.17 9.47
CA LYS B 231 3.75 24.56 9.14
C LYS B 231 3.47 24.64 7.65
N PRO B 232 2.71 25.66 7.21
CA PRO B 232 2.38 25.84 5.80
C PRO B 232 3.56 25.71 4.83
N GLU B 233 4.69 26.31 5.21
CA GLU B 233 5.89 26.29 4.38
C GLU B 233 6.39 24.87 4.13
N HIS B 234 6.18 23.99 5.11
CA HIS B 234 6.62 22.61 5.01
C HIS B 234 5.95 21.91 3.84
N ILE B 235 4.70 22.27 3.56
CA ILE B 235 3.98 21.67 2.45
C ILE B 235 4.23 22.47 1.17
N ALA B 236 4.29 23.79 1.30
CA ALA B 236 4.52 24.64 0.13
C ALA B 236 5.84 24.24 -0.56
N ASN B 237 6.85 23.96 0.26
CA ASN B 237 8.16 23.57 -0.26
C ASN B 237 8.05 22.32 -1.14
N ILE B 238 7.22 21.36 -0.75
CA ILE B 238 7.07 20.13 -1.52
C ILE B 238 6.31 20.39 -2.81
N ILE B 239 5.31 21.28 -2.75
CA ILE B 239 4.52 21.62 -3.92
C ILE B 239 5.41 22.25 -4.98
N LEU B 240 6.26 23.19 -4.58
CA LEU B 240 7.16 23.83 -5.54
C LEU B 240 8.15 22.81 -6.10
N PHE B 241 8.66 21.94 -5.23
CA PHE B 241 9.59 20.90 -5.69
C PHE B 241 8.91 20.08 -6.78
N LEU B 242 7.69 19.62 -6.50
CA LEU B 242 6.96 18.81 -7.49
C LEU B 242 6.65 19.60 -8.78
N ALA B 243 6.50 20.91 -8.66
CA ALA B 243 6.22 21.76 -9.82
C ALA B 243 7.49 22.12 -10.59
N ASP B 244 8.64 21.92 -9.96
CA ASP B 244 9.92 22.20 -10.60
C ASP B 244 10.34 20.96 -11.39
N ARG B 245 9.89 20.87 -12.64
CA ARG B 245 10.22 19.70 -13.47
C ARG B 245 11.72 19.43 -13.55
N ASN B 246 12.51 20.49 -13.65
CA ASN B 246 13.96 20.34 -13.74
C ASN B 246 14.51 19.57 -12.54
N LEU B 247 13.85 19.70 -11.40
CA LEU B 247 14.29 19.01 -10.19
C LEU B 247 13.60 17.67 -9.95
N SER B 248 12.27 17.69 -9.85
CA SER B 248 11.49 16.48 -9.56
C SER B 248 11.02 15.67 -10.76
N PHE B 249 11.48 16.05 -11.95
CA PHE B 249 11.10 15.40 -13.20
C PHE B 249 10.62 13.96 -13.17
N TYR B 250 11.47 13.05 -12.71
CA TYR B 250 11.15 11.62 -12.72
C TYR B 250 10.05 11.16 -11.77
N ILE B 251 9.58 12.04 -10.90
CA ILE B 251 8.49 11.68 -9.99
C ILE B 251 7.21 11.95 -10.78
N LEU B 252 6.36 10.94 -10.90
CA LEU B 252 5.12 11.11 -11.64
C LEU B 252 4.00 10.26 -11.07
N GLY B 253 2.86 10.89 -10.85
CA GLY B 253 1.72 10.16 -10.33
C GLY B 253 1.84 9.74 -8.87
N GLN B 254 2.67 10.45 -8.11
CA GLN B 254 2.87 10.14 -6.70
C GLN B 254 2.32 11.24 -5.80
N SER B 255 1.95 10.86 -4.58
CA SER B 255 1.49 11.84 -3.60
C SER B 255 2.41 11.67 -2.41
N ILE B 256 3.35 12.59 -2.26
CA ILE B 256 4.32 12.53 -1.17
C ILE B 256 3.70 12.79 0.21
N VAL B 257 3.84 11.83 1.10
CA VAL B 257 3.31 11.97 2.46
C VAL B 257 4.27 12.85 3.26
N ALA B 258 3.72 13.91 3.87
CA ALA B 258 4.50 14.82 4.70
C ALA B 258 3.73 14.95 5.99
N ASP B 259 3.99 14.06 6.95
CA ASP B 259 3.27 14.06 8.21
C ASP B 259 4.12 13.92 9.48
N GLY B 260 5.40 14.22 9.40
CA GLY B 260 6.25 14.09 10.56
C GLY B 260 6.25 12.68 11.15
N GLY B 261 5.76 11.71 10.38
CA GLY B 261 5.73 10.33 10.84
C GLY B 261 4.41 9.83 11.42
N THR B 262 3.42 10.72 11.49
CA THR B 262 2.11 10.36 12.05
C THR B 262 1.51 9.07 11.52
N SER B 263 1.49 8.90 10.20
CA SER B 263 0.91 7.71 9.58
C SER B 263 1.72 6.42 9.78
N LEU B 264 2.94 6.55 10.29
CA LEU B 264 3.78 5.36 10.49
C LEU B 264 3.61 4.73 11.87
N VAL B 265 2.80 5.34 12.72
CA VAL B 265 2.61 4.80 14.06
C VAL B 265 1.24 4.15 14.28
N MET B 266 1.29 2.93 14.79
CA MET B 266 0.10 2.12 15.05
C MET B 266 -0.54 2.52 16.37
N GLY B 267 -1.85 2.30 16.49
CA GLY B 267 -2.55 2.64 17.72
C GLY B 267 -1.96 1.96 18.95
N THR B 268 -1.54 0.71 18.79
CA THR B 268 -0.96 -0.04 19.89
C THR B 268 0.31 0.61 20.40
N GLN B 269 1.04 1.26 19.49
CA GLN B 269 2.30 1.92 19.84
C GLN B 269 2.15 3.18 20.67
N ALA B 270 0.91 3.52 21.02
CA ALA B 270 0.67 4.69 21.87
C ALA B 270 0.88 4.23 23.31
N HIS B 271 0.95 2.92 23.48
CA HIS B 271 1.13 2.31 24.80
C HIS B 271 2.42 1.50 24.88
N ASP B 272 3.14 1.66 26.00
CA ASP B 272 4.40 0.97 26.22
C ASP B 272 4.16 -0.48 26.62
N PRO C 2 -14.59 -34.09 4.73
CA PRO C 2 -13.17 -34.26 4.39
C PRO C 2 -12.79 -33.39 3.19
N ARG C 3 -12.35 -32.16 3.47
CA ARG C 3 -11.95 -31.20 2.43
C ARG C 3 -10.57 -31.46 1.88
N PHE C 4 -9.68 -31.99 2.71
CA PHE C 4 -8.31 -32.25 2.29
C PHE C 4 -7.91 -33.72 2.30
N SER C 5 -8.88 -34.59 2.11
CA SER C 5 -8.63 -36.03 2.10
C SER C 5 -7.67 -36.43 1.00
N ASN C 6 -6.72 -37.29 1.33
CA ASN C 6 -5.72 -37.78 0.37
C ASN C 6 -4.72 -36.69 -0.06
N LYS C 7 -4.64 -35.62 0.72
CA LYS C 7 -3.72 -34.53 0.45
C LYS C 7 -2.66 -34.52 1.56
N THR C 8 -1.39 -34.36 1.18
CA THR C 8 -0.32 -34.34 2.17
C THR C 8 0.15 -32.93 2.46
N VAL C 9 0.03 -32.54 3.73
CA VAL C 9 0.38 -31.20 4.18
C VAL C 9 1.54 -31.13 5.17
N ILE C 10 2.51 -30.28 4.87
CA ILE C 10 3.63 -30.08 5.77
C ILE C 10 3.37 -28.76 6.50
N ILE C 11 3.27 -28.83 7.83
CA ILE C 11 3.04 -27.64 8.63
C ILE C 11 4.24 -27.38 9.52
N THR C 12 5.12 -26.45 9.13
CA THR C 12 6.29 -26.17 9.95
C THR C 12 5.85 -25.42 11.18
N GLY C 13 6.59 -25.60 12.27
CA GLY C 13 6.24 -24.92 13.51
C GLY C 13 4.88 -25.35 14.00
N SER C 14 4.59 -26.65 13.89
CA SER C 14 3.31 -27.19 14.33
C SER C 14 3.40 -27.86 15.70
N SER C 15 4.44 -27.51 16.45
CA SER C 15 4.63 -28.06 17.78
C SER C 15 4.10 -27.07 18.82
N ASN C 16 3.40 -26.05 18.34
CA ASN C 16 2.83 -25.03 19.22
C ASN C 16 2.03 -23.98 18.44
N GLY C 17 1.29 -23.15 19.17
CA GLY C 17 0.50 -22.09 18.57
C GLY C 17 -0.30 -22.34 17.31
N ILE C 18 -0.16 -21.43 16.34
CA ILE C 18 -0.88 -21.51 15.08
C ILE C 18 -0.63 -22.78 14.28
N GLY C 19 0.64 -23.17 14.18
CA GLY C 19 0.97 -24.38 13.44
C GLY C 19 0.30 -25.62 14.00
N ARG C 20 0.25 -25.73 15.32
CA ARG C 20 -0.38 -26.87 15.98
C ARG C 20 -1.84 -26.95 15.59
N THR C 21 -2.55 -25.85 15.77
CA THR C 21 -3.97 -25.78 15.45
C THR C 21 -4.21 -25.97 13.96
N THR C 22 -3.28 -25.49 13.14
CA THR C 22 -3.43 -25.64 11.70
C THR C 22 -3.29 -27.11 11.33
N ALA C 23 -2.28 -27.77 11.88
CA ALA C 23 -2.06 -29.18 11.60
C ALA C 23 -3.29 -29.98 12.02
N ILE C 24 -3.84 -29.66 13.19
CA ILE C 24 -5.01 -30.34 13.72
C ILE C 24 -6.23 -30.22 12.81
N LEU C 25 -6.47 -29.03 12.27
CA LEU C 25 -7.61 -28.83 11.39
C LEU C 25 -7.41 -29.57 10.07
N PHE C 26 -6.20 -29.52 9.52
CA PHE C 26 -5.91 -30.22 8.28
C PHE C 26 -6.18 -31.72 8.46
N ALA C 27 -5.71 -32.25 9.60
CA ALA C 27 -5.89 -33.67 9.92
C ALA C 27 -7.37 -34.02 9.99
N GLN C 28 -8.13 -33.24 10.75
CA GLN C 28 -9.56 -33.48 10.89
C GLN C 28 -10.26 -33.48 9.54
N GLU C 29 -9.66 -32.80 8.57
CA GLU C 29 -10.21 -32.70 7.23
C GLU C 29 -9.75 -33.86 6.33
N GLY C 30 -9.23 -34.90 6.96
CA GLY C 30 -8.79 -36.07 6.21
C GLY C 30 -7.48 -35.94 5.45
N ALA C 31 -6.61 -35.04 5.89
CA ALA C 31 -5.34 -34.84 5.21
C ALA C 31 -4.18 -35.55 5.92
N ASN C 32 -3.18 -35.95 5.13
CA ASN C 32 -1.99 -36.58 5.67
C ASN C 32 -1.19 -35.39 6.18
N VAL C 33 -0.77 -35.44 7.43
CA VAL C 33 -0.03 -34.32 8.01
C VAL C 33 1.37 -34.64 8.53
N THR C 34 2.26 -33.67 8.35
CA THR C 34 3.63 -33.76 8.84
C THR C 34 3.82 -32.61 9.84
N ILE C 35 3.91 -32.95 11.12
CA ILE C 35 4.10 -31.95 12.15
C ILE C 35 5.56 -31.94 12.58
N THR C 36 6.15 -30.76 12.63
CA THR C 36 7.55 -30.63 12.99
C THR C 36 7.83 -29.49 13.96
N GLY C 37 8.93 -29.64 14.70
CA GLY C 37 9.34 -28.65 15.68
C GLY C 37 10.61 -29.13 16.35
N ARG C 38 11.09 -28.36 17.33
CA ARG C 38 12.32 -28.73 18.03
C ARG C 38 12.01 -29.44 19.35
N SER C 39 10.94 -29.01 20.02
CA SER C 39 10.55 -29.61 21.29
C SER C 39 9.70 -30.85 21.04
N SER C 40 10.34 -32.01 21.14
CA SER C 40 9.67 -33.29 20.93
C SER C 40 8.46 -33.40 21.86
N GLU C 41 8.60 -32.84 23.06
CA GLU C 41 7.54 -32.89 24.05
C GLU C 41 6.27 -32.21 23.54
N ARG C 42 6.38 -30.94 23.15
CA ARG C 42 5.22 -30.23 22.63
C ARG C 42 4.81 -30.78 21.27
N LEU C 43 5.78 -31.30 20.52
CA LEU C 43 5.50 -31.88 19.23
C LEU C 43 4.59 -33.09 19.40
N GLU C 44 4.97 -33.97 20.35
CA GLU C 44 4.20 -35.16 20.64
C GLU C 44 2.83 -34.75 21.19
N GLU C 45 2.77 -33.58 21.83
CA GLU C 45 1.52 -33.09 22.38
C GLU C 45 0.53 -32.86 21.23
N THR C 46 1.05 -32.30 20.13
CA THR C 46 0.22 -32.05 18.95
C THR C 46 -0.24 -33.39 18.39
N ARG C 47 0.72 -34.30 18.20
CA ARG C 47 0.46 -35.63 17.68
C ARG C 47 -0.67 -36.28 18.49
N GLN C 48 -0.55 -36.22 19.81
CA GLN C 48 -1.56 -36.79 20.69
C GLN C 48 -2.93 -36.18 20.44
N ILE C 49 -2.99 -34.86 20.34
CA ILE C 49 -4.25 -34.18 20.10
C ILE C 49 -4.87 -34.66 18.79
N ILE C 50 -4.02 -34.97 17.82
CA ILE C 50 -4.45 -35.46 16.52
C ILE C 50 -5.08 -36.85 16.65
N LEU C 51 -4.31 -37.78 17.23
CA LEU C 51 -4.78 -39.14 17.40
C LEU C 51 -6.05 -39.24 18.23
N LYS C 52 -6.17 -38.40 19.25
CA LYS C 52 -7.36 -38.42 20.10
C LYS C 52 -8.57 -37.89 19.35
N SER C 53 -8.31 -37.25 18.21
CA SER C 53 -9.39 -36.71 17.38
C SER C 53 -10.02 -37.82 16.56
N GLY C 54 -9.39 -38.99 16.59
CA GLY C 54 -9.90 -40.13 15.83
C GLY C 54 -9.09 -40.40 14.58
N VAL C 55 -8.09 -39.55 14.33
CA VAL C 55 -7.24 -39.70 13.16
C VAL C 55 -6.17 -40.78 13.37
N SER C 56 -6.05 -41.70 12.42
CA SER C 56 -5.07 -42.77 12.52
C SER C 56 -3.65 -42.20 12.41
N GLU C 57 -2.75 -42.73 13.22
CA GLU C 57 -1.36 -42.26 13.22
C GLU C 57 -0.62 -42.58 11.93
N LYS C 58 -1.28 -43.29 11.02
CA LYS C 58 -0.67 -43.64 9.75
C LYS C 58 -0.73 -42.41 8.85
N GLN C 59 -1.53 -41.43 9.26
CA GLN C 59 -1.71 -40.20 8.52
C GLN C 59 -1.06 -39.06 9.30
N VAL C 60 -0.14 -39.43 10.18
CA VAL C 60 0.57 -38.47 11.02
C VAL C 60 2.06 -38.76 11.05
N ASN C 61 2.85 -37.84 10.51
CA ASN C 61 4.29 -37.98 10.49
C ASN C 61 4.93 -36.87 11.31
N SER C 62 5.41 -37.22 12.50
CA SER C 62 6.04 -36.29 13.41
C SER C 62 7.53 -36.21 13.11
N VAL C 63 8.08 -34.99 13.13
CA VAL C 63 9.50 -34.79 12.85
C VAL C 63 10.13 -33.69 13.70
N VAL C 64 11.17 -34.05 14.43
CA VAL C 64 11.90 -33.10 15.28
C VAL C 64 13.07 -32.59 14.45
N ALA C 65 13.14 -31.28 14.24
CA ALA C 65 14.22 -30.71 13.45
C ALA C 65 14.29 -29.18 13.47
N ASP C 66 15.48 -28.65 13.24
CA ASP C 66 15.71 -27.22 13.20
C ASP C 66 15.44 -26.82 11.74
N VAL C 67 14.33 -26.12 11.53
CA VAL C 67 13.93 -25.73 10.17
C VAL C 67 14.89 -24.78 9.47
N THR C 68 15.90 -24.28 10.20
CA THR C 68 16.88 -23.37 9.61
C THR C 68 18.13 -24.08 9.04
N THR C 69 18.22 -25.39 9.24
CA THR C 69 19.36 -26.14 8.73
C THR C 69 19.00 -26.96 7.51
N GLU C 70 19.99 -27.20 6.64
CA GLU C 70 19.77 -27.98 5.43
C GLU C 70 19.29 -29.36 5.82
N ASP C 71 19.78 -29.83 6.97
CA ASP C 71 19.44 -31.15 7.49
C ASP C 71 18.00 -31.24 7.98
N GLY C 72 17.63 -30.33 8.88
CA GLY C 72 16.29 -30.30 9.41
C GLY C 72 15.25 -30.30 8.30
N GLN C 73 15.38 -29.37 7.36
CA GLN C 73 14.43 -29.29 6.26
C GLN C 73 14.47 -30.52 5.36
N ASP C 74 15.64 -31.13 5.21
CA ASP C 74 15.74 -32.33 4.40
C ASP C 74 14.97 -33.45 5.08
N GLN C 75 15.08 -33.51 6.40
CA GLN C 75 14.39 -34.55 7.17
C GLN C 75 12.88 -34.36 7.12
N ILE C 76 12.43 -33.11 7.24
CA ILE C 76 10.99 -32.82 7.19
C ILE C 76 10.41 -33.27 5.86
N ILE C 77 11.11 -32.94 4.78
CA ILE C 77 10.66 -33.30 3.44
C ILE C 77 10.84 -34.80 3.15
N ASN C 78 11.96 -35.37 3.61
CA ASN C 78 12.24 -36.78 3.40
C ASN C 78 11.21 -37.72 4.02
N SER C 79 10.95 -37.55 5.31
CA SER C 79 9.99 -38.40 5.99
C SER C 79 8.59 -38.20 5.43
N THR C 80 8.32 -37.00 4.91
CA THR C 80 7.01 -36.71 4.33
C THR C 80 6.81 -37.53 3.07
N LEU C 81 7.83 -37.52 2.20
CA LEU C 81 7.77 -38.26 0.96
C LEU C 81 7.82 -39.76 1.24
N LYS C 82 8.65 -40.13 2.21
CA LYS C 82 8.80 -41.54 2.58
C LYS C 82 7.46 -42.12 3.04
N GLN C 83 6.83 -41.44 3.99
CA GLN C 83 5.56 -41.91 4.53
C GLN C 83 4.34 -41.61 3.65
N PHE C 84 4.43 -40.59 2.80
CA PHE C 84 3.28 -40.23 1.96
C PHE C 84 3.48 -40.27 0.44
N GLY C 85 4.72 -40.33 0.00
CA GLY C 85 4.99 -40.40 -1.43
C GLY C 85 4.80 -39.13 -2.23
N LYS C 86 4.23 -38.10 -1.63
CA LYS C 86 4.03 -36.83 -2.32
C LYS C 86 3.79 -35.67 -1.35
N ILE C 87 3.69 -34.47 -1.91
CA ILE C 87 3.45 -33.26 -1.12
C ILE C 87 2.49 -32.37 -1.90
N ASP C 88 1.36 -32.05 -1.29
CA ASP C 88 0.35 -31.21 -1.94
C ASP C 88 0.40 -29.77 -1.47
N VAL C 89 0.70 -29.58 -0.19
CA VAL C 89 0.78 -28.22 0.34
C VAL C 89 1.82 -28.04 1.44
N LEU C 90 2.47 -26.88 1.39
CA LEU C 90 3.48 -26.53 2.38
C LEU C 90 3.07 -25.23 3.05
N VAL C 91 2.97 -25.26 4.38
CA VAL C 91 2.63 -24.05 5.11
C VAL C 91 3.85 -23.63 5.93
N ASN C 92 4.44 -22.52 5.51
CA ASN C 92 5.60 -21.96 6.18
C ASN C 92 5.14 -21.10 7.35
N ASN C 93 4.84 -21.77 8.47
CA ASN C 93 4.35 -21.14 9.68
C ASN C 93 5.41 -20.85 10.74
N ALA C 94 6.45 -21.69 10.81
CA ALA C 94 7.49 -21.49 11.81
C ALA C 94 8.05 -20.06 11.74
N GLY C 95 8.20 -19.44 12.91
CA GLY C 95 8.74 -18.10 12.96
C GLY C 95 8.75 -17.58 14.38
N ALA C 96 9.44 -16.47 14.62
CA ALA C 96 9.51 -15.92 15.96
C ALA C 96 10.29 -14.64 16.01
N ALA C 97 10.03 -13.84 17.04
CA ALA C 97 10.74 -12.59 17.25
C ALA C 97 11.85 -12.89 18.25
N ILE C 98 13.08 -13.01 17.75
CA ILE C 98 14.22 -13.32 18.60
C ILE C 98 14.73 -12.09 19.34
N PRO C 99 14.77 -12.15 20.69
CA PRO C 99 15.23 -11.05 21.54
C PRO C 99 16.75 -10.94 21.71
N ASP C 100 17.20 -9.76 22.09
CA ASP C 100 18.62 -9.49 22.31
C ASP C 100 19.03 -10.09 23.65
N ALA C 101 20.31 -10.41 23.79
CA ALA C 101 20.81 -11.00 25.03
C ALA C 101 20.52 -10.12 26.25
N PHE C 102 20.38 -8.82 26.02
CA PHE C 102 20.11 -7.88 27.10
C PHE C 102 18.78 -7.16 26.92
N GLY C 103 17.87 -7.77 26.16
CA GLY C 103 16.58 -7.16 25.92
C GLY C 103 16.69 -5.88 25.09
N THR C 104 17.80 -5.72 24.39
CA THR C 104 18.01 -4.53 23.58
C THR C 104 16.97 -4.43 22.46
N THR C 105 16.48 -3.22 22.22
CA THR C 105 15.48 -3.00 21.17
C THR C 105 15.87 -1.79 20.32
N GLY C 106 15.18 -1.61 19.21
CA GLY C 106 15.47 -0.49 18.35
C GLY C 106 16.66 -0.72 17.45
N THR C 107 17.14 0.36 16.84
CA THR C 107 18.28 0.30 15.92
C THR C 107 19.49 -0.40 16.53
N ASP C 108 19.63 -0.32 17.85
CA ASP C 108 20.78 -0.91 18.54
C ASP C 108 20.82 -2.44 18.57
N GLN C 109 19.72 -3.12 18.23
CA GLN C 109 19.76 -4.56 18.24
C GLN C 109 20.94 -4.99 17.39
N GLY C 110 21.71 -5.95 17.89
CA GLY C 110 22.90 -6.42 17.18
C GLY C 110 22.69 -7.18 15.89
N ILE C 111 23.77 -7.26 15.13
CA ILE C 111 23.77 -7.95 13.84
C ILE C 111 23.47 -9.43 14.05
N ASP C 112 23.82 -9.94 15.23
CA ASP C 112 23.57 -11.34 15.56
C ASP C 112 22.07 -11.59 15.56
N ILE C 113 21.31 -10.63 16.08
CA ILE C 113 19.85 -10.75 16.10
C ILE C 113 19.33 -10.76 14.67
N TYR C 114 19.90 -9.88 13.84
CA TYR C 114 19.51 -9.79 12.44
C TYR C 114 19.64 -11.15 11.76
N HIS C 115 20.84 -11.73 11.86
CA HIS C 115 21.12 -13.03 11.25
C HIS C 115 20.17 -14.13 11.68
N LYS C 116 20.01 -14.28 12.98
CA LYS C 116 19.13 -15.30 13.53
C LYS C 116 17.69 -15.10 13.11
N THR C 117 17.23 -13.85 13.17
CA THR C 117 15.85 -13.52 12.81
C THR C 117 15.51 -13.84 11.35
N LEU C 118 16.33 -13.36 10.43
CA LEU C 118 16.08 -13.62 9.02
C LEU C 118 16.29 -15.09 8.64
N LYS C 119 17.27 -15.75 9.27
CA LYS C 119 17.52 -17.15 8.96
C LYS C 119 16.27 -18.00 9.17
N LEU C 120 15.56 -17.72 10.26
CA LEU C 120 14.33 -18.44 10.57
C LEU C 120 13.12 -17.87 9.83
N ASN C 121 12.85 -16.58 10.03
CA ASN C 121 11.70 -15.93 9.41
C ASN C 121 11.71 -15.70 7.91
N LEU C 122 12.90 -15.73 7.28
CA LEU C 122 12.95 -15.51 5.84
C LEU C 122 13.66 -16.66 5.10
N GLN C 123 14.92 -16.88 5.45
CA GLN C 123 15.73 -17.91 4.80
C GLN C 123 15.10 -19.29 4.79
N ALA C 124 14.58 -19.73 5.94
CA ALA C 124 13.95 -21.04 6.04
C ALA C 124 12.78 -21.17 5.08
N VAL C 125 11.98 -20.10 5.01
CA VAL C 125 10.83 -20.10 4.11
C VAL C 125 11.30 -20.27 2.68
N ILE C 126 12.36 -19.56 2.32
CA ILE C 126 12.92 -19.62 0.98
C ILE C 126 13.43 -21.02 0.66
N GLU C 127 14.15 -21.61 1.60
CA GLU C 127 14.71 -22.95 1.42
C GLU C 127 13.65 -24.05 1.34
N MET C 128 12.64 -23.97 2.20
CA MET C 128 11.57 -24.96 2.17
C MET C 128 10.79 -24.81 0.88
N THR C 129 10.60 -23.58 0.43
CA THR C 129 9.88 -23.32 -0.82
C THR C 129 10.64 -23.97 -1.99
N LYS C 130 11.93 -23.69 -2.08
CA LYS C 130 12.74 -24.25 -3.17
C LYS C 130 12.82 -25.78 -3.13
N LYS C 131 12.89 -26.33 -1.93
CA LYS C 131 12.99 -27.78 -1.77
C LYS C 131 11.69 -28.55 -2.00
N VAL C 132 10.56 -27.92 -1.75
CA VAL C 132 9.29 -28.60 -2.00
C VAL C 132 8.82 -28.35 -3.44
N LYS C 133 9.31 -27.27 -4.03
CA LYS C 133 8.94 -26.87 -5.38
C LYS C 133 8.75 -28.00 -6.39
N PRO C 134 9.79 -28.83 -6.61
CA PRO C 134 9.64 -29.91 -7.57
C PRO C 134 8.47 -30.85 -7.28
N HIS C 135 8.13 -30.97 -6.00
CA HIS C 135 7.03 -31.85 -5.59
C HIS C 135 5.66 -31.19 -5.77
N LEU C 136 5.63 -29.87 -5.66
CA LEU C 136 4.40 -29.14 -5.82
C LEU C 136 4.10 -28.97 -7.30
N VAL C 137 5.16 -28.97 -8.11
CA VAL C 137 5.01 -28.84 -9.55
C VAL C 137 4.32 -30.12 -10.03
N ALA C 138 4.76 -31.26 -9.50
CA ALA C 138 4.18 -32.54 -9.88
C ALA C 138 2.71 -32.63 -9.46
N SER C 139 2.44 -32.18 -8.24
CA SER C 139 1.08 -32.23 -7.71
C SER C 139 0.27 -30.96 -7.92
N LYS C 140 0.85 -29.95 -8.56
CA LYS C 140 0.16 -28.68 -8.76
C LYS C 140 -0.33 -28.29 -7.37
N GLY C 141 0.60 -28.29 -6.44
CA GLY C 141 0.27 -27.98 -5.06
C GLY C 141 0.11 -26.53 -4.69
N GLU C 142 0.26 -26.26 -3.39
CA GLU C 142 0.08 -24.91 -2.88
C GLU C 142 1.01 -24.58 -1.73
N ILE C 143 1.17 -23.28 -1.50
CA ILE C 143 2.01 -22.78 -0.42
C ILE C 143 1.28 -21.66 0.32
N VAL C 144 1.31 -21.70 1.64
CA VAL C 144 0.71 -20.67 2.43
C VAL C 144 1.73 -20.26 3.47
N ASN C 145 2.15 -19.01 3.44
CA ASN C 145 3.13 -18.55 4.40
C ASN C 145 2.42 -17.74 5.47
N VAL C 146 3.05 -17.64 6.65
CA VAL C 146 2.48 -16.85 7.74
C VAL C 146 3.43 -15.68 7.98
N SER C 147 2.96 -14.49 7.62
CA SER C 147 3.76 -13.28 7.80
C SER C 147 3.31 -12.57 9.06
N SER C 148 3.11 -11.26 9.00
CA SER C 148 2.68 -10.48 10.15
C SER C 148 2.43 -9.04 9.75
N ILE C 149 1.52 -8.39 10.47
CA ILE C 149 1.20 -6.99 10.20
C ILE C 149 2.43 -6.15 10.52
N VAL C 150 3.38 -6.74 11.24
CA VAL C 150 4.61 -6.04 11.59
C VAL C 150 5.48 -5.77 10.35
N ALA C 151 5.11 -6.39 9.24
CA ALA C 151 5.87 -6.21 8.00
C ALA C 151 5.69 -4.80 7.43
N GLY C 152 4.63 -4.12 7.87
CA GLY C 152 4.35 -2.78 7.37
C GLY C 152 2.86 -2.68 7.08
N PRO C 153 2.35 -1.54 6.58
CA PRO C 153 3.03 -0.30 6.23
C PRO C 153 3.48 0.57 7.41
N GLN C 154 3.03 0.24 8.62
CA GLN C 154 3.42 1.00 9.80
C GLN C 154 4.80 0.57 10.28
N ALA C 155 5.52 1.52 10.88
CA ALA C 155 6.86 1.27 11.40
C ALA C 155 6.87 0.36 12.62
N GLN C 156 7.95 -0.40 12.78
CA GLN C 156 8.12 -1.29 13.93
C GLN C 156 9.50 -1.03 14.50
N PRO C 157 9.64 0.03 15.30
CA PRO C 157 10.88 0.48 15.95
C PRO C 157 11.54 -0.38 17.03
N ASP C 158 10.82 -1.37 17.59
CA ASP C 158 11.42 -2.19 18.65
C ASP C 158 12.18 -3.40 18.12
N PHE C 159 11.46 -4.33 17.51
CA PHE C 159 12.12 -5.51 16.94
C PHE C 159 12.18 -5.29 15.42
N LEU C 160 13.10 -4.42 15.01
CA LEU C 160 13.29 -4.06 13.61
C LEU C 160 13.57 -5.22 12.67
N TYR C 161 14.41 -6.17 13.10
CA TYR C 161 14.77 -7.29 12.25
C TYR C 161 13.65 -8.26 11.97
N TYR C 162 12.79 -8.48 12.96
CA TYR C 162 11.67 -9.39 12.80
C TYR C 162 10.71 -8.74 11.78
N ALA C 163 10.58 -7.42 11.85
CA ALA C 163 9.70 -6.68 10.95
C ALA C 163 10.13 -6.69 9.49
N ILE C 164 11.41 -6.40 9.23
CA ILE C 164 11.92 -6.36 7.86
C ILE C 164 12.00 -7.76 7.24
N ALA C 165 12.09 -8.78 8.09
CA ALA C 165 12.15 -10.15 7.60
C ALA C 165 10.75 -10.49 7.09
N LYS C 166 9.71 -10.05 7.82
CA LYS C 166 8.34 -10.32 7.41
C LYS C 166 7.99 -9.50 6.16
N ALA C 167 8.50 -8.27 6.09
CA ALA C 167 8.26 -7.42 4.93
C ALA C 167 8.88 -8.07 3.70
N ALA C 168 10.05 -8.70 3.88
CA ALA C 168 10.73 -9.39 2.80
C ALA C 168 9.91 -10.63 2.42
N LEU C 169 9.35 -11.28 3.43
CA LEU C 169 8.51 -12.46 3.26
C LEU C 169 7.31 -12.14 2.37
N ASP C 170 6.68 -10.99 2.58
CA ASP C 170 5.53 -10.62 1.77
C ASP C 170 5.90 -10.50 0.30
N GLN C 171 7.04 -9.88 -0.01
CA GLN C 171 7.43 -9.75 -1.41
C GLN C 171 7.86 -11.12 -1.95
N TYR C 172 8.37 -11.98 -1.07
CA TYR C 172 8.77 -13.31 -1.52
C TYR C 172 7.50 -14.09 -1.87
N THR C 173 6.46 -13.92 -1.05
CA THR C 173 5.17 -14.58 -1.29
C THR C 173 4.59 -14.13 -2.63
N ARG C 174 4.55 -12.82 -2.84
CA ARG C 174 4.01 -12.25 -4.07
C ARG C 174 4.79 -12.73 -5.30
N SER C 175 6.10 -12.71 -5.19
CA SER C 175 6.97 -13.08 -6.30
C SER C 175 6.99 -14.57 -6.65
N THR C 176 7.06 -15.44 -5.64
CA THR C 176 7.04 -16.87 -5.93
C THR C 176 5.65 -17.24 -6.46
N ALA C 177 4.63 -16.52 -6.04
CA ALA C 177 3.26 -16.80 -6.50
C ALA C 177 3.14 -16.59 -8.00
N ILE C 178 3.69 -15.50 -8.50
CA ILE C 178 3.65 -15.19 -9.93
C ILE C 178 4.54 -16.14 -10.71
N ASP C 179 5.71 -16.45 -10.16
CA ASP C 179 6.66 -17.34 -10.81
C ASP C 179 6.15 -18.78 -10.89
N LEU C 180 5.64 -19.29 -9.77
CA LEU C 180 5.15 -20.66 -9.71
C LEU C 180 3.76 -20.88 -10.31
N ALA C 181 3.07 -19.79 -10.65
CA ALA C 181 1.73 -19.89 -11.21
C ALA C 181 1.75 -20.57 -12.58
N LYS C 182 2.89 -20.52 -13.26
CA LYS C 182 3.00 -21.15 -14.57
C LYS C 182 2.88 -22.67 -14.47
N PHE C 183 3.04 -23.21 -13.26
CA PHE C 183 2.95 -24.64 -13.05
C PHE C 183 1.64 -25.08 -12.38
N GLY C 184 0.73 -24.13 -12.19
CA GLY C 184 -0.54 -24.46 -11.57
C GLY C 184 -0.48 -24.45 -10.06
N ILE C 185 0.60 -23.91 -9.52
CA ILE C 185 0.79 -23.84 -8.08
C ILE C 185 0.22 -22.52 -7.55
N ARG C 186 -0.35 -22.54 -6.35
CA ARG C 186 -0.89 -21.32 -5.76
C ARG C 186 -0.17 -20.98 -4.47
N VAL C 187 0.46 -19.82 -4.44
CA VAL C 187 1.17 -19.36 -3.24
C VAL C 187 0.40 -18.17 -2.66
N ASN C 188 0.15 -18.22 -1.36
CA ASN C 188 -0.57 -17.14 -0.68
C ASN C 188 -0.01 -17.02 0.73
N SER C 189 -0.62 -16.18 1.54
CA SER C 189 -0.14 -16.00 2.89
C SER C 189 -1.21 -15.37 3.79
N VAL C 190 -0.92 -15.29 5.08
CA VAL C 190 -1.82 -14.67 6.04
C VAL C 190 -0.93 -13.85 6.95
N SER C 191 -1.38 -12.64 7.29
CA SER C 191 -0.61 -11.75 8.15
C SER C 191 -1.38 -11.50 9.43
N PRO C 192 -1.05 -12.25 10.48
CA PRO C 192 -1.75 -12.09 11.77
C PRO C 192 -1.43 -10.85 12.56
N GLY C 193 -2.40 -10.46 13.39
CA GLY C 193 -2.22 -9.36 14.31
C GLY C 193 -1.91 -10.16 15.57
N MET C 194 -2.27 -9.67 16.75
CA MET C 194 -1.98 -10.42 17.97
C MET C 194 -2.78 -11.73 18.10
N VAL C 195 -2.10 -12.83 18.38
CA VAL C 195 -2.77 -14.11 18.57
C VAL C 195 -2.15 -14.79 19.79
N GLU C 196 -2.99 -15.28 20.68
CA GLU C 196 -2.49 -15.93 21.89
C GLU C 196 -1.93 -17.28 21.53
N THR C 197 -0.60 -17.39 21.59
CA THR C 197 0.10 -18.62 21.28
C THR C 197 1.30 -18.70 22.23
N GLY C 198 2.39 -19.32 21.78
CA GLY C 198 3.57 -19.41 22.61
C GLY C 198 4.56 -18.34 22.22
N PHE C 199 4.18 -17.52 21.24
CA PHE C 199 5.05 -16.46 20.73
C PHE C 199 5.70 -15.61 21.81
N THR C 200 4.91 -15.00 22.68
CA THR C 200 5.47 -14.17 23.74
C THR C 200 6.38 -14.93 24.69
N ASN C 201 5.99 -16.16 25.03
CA ASN C 201 6.81 -16.97 25.94
C ASN C 201 8.16 -17.21 25.29
N ALA C 202 8.15 -17.56 24.00
CA ALA C 202 9.39 -17.80 23.27
C ALA C 202 10.30 -16.58 23.35
N MET C 203 9.71 -15.40 23.55
CA MET C 203 10.46 -14.17 23.65
C MET C 203 11.06 -13.97 25.04
N GLY C 204 10.52 -14.67 26.03
CA GLY C 204 11.04 -14.55 27.39
C GLY C 204 10.06 -13.90 28.33
N MET C 205 8.87 -13.58 27.83
CA MET C 205 7.83 -12.96 28.65
C MET C 205 7.10 -13.95 29.54
N PRO C 206 7.08 -13.71 30.85
CA PRO C 206 6.39 -14.61 31.78
C PRO C 206 4.92 -14.77 31.36
N ASP C 207 4.36 -15.96 31.58
CA ASP C 207 2.97 -16.23 31.22
C ASP C 207 2.00 -15.23 31.80
N GLN C 208 2.26 -14.78 33.02
CA GLN C 208 1.39 -13.81 33.67
C GLN C 208 1.41 -12.49 32.90
N ALA C 209 2.60 -12.06 32.52
CA ALA C 209 2.77 -10.82 31.77
C ALA C 209 2.01 -10.91 30.44
N SER C 210 2.20 -12.02 29.72
CA SER C 210 1.53 -12.24 28.45
C SER C 210 0.02 -12.07 28.61
N GLN C 211 -0.53 -12.66 29.66
CA GLN C 211 -1.96 -12.57 29.91
C GLN C 211 -2.36 -11.12 30.14
N LYS C 212 -1.47 -10.36 30.78
CA LYS C 212 -1.72 -8.94 31.04
C LYS C 212 -1.69 -8.21 29.70
N PHE C 213 -0.79 -8.65 28.83
CA PHE C 213 -0.64 -8.07 27.50
C PHE C 213 -1.88 -8.34 26.67
N TYR C 214 -2.33 -9.60 26.64
CA TYR C 214 -3.51 -9.96 25.87
C TYR C 214 -4.73 -9.20 26.37
N ASN C 215 -4.95 -9.20 27.68
CA ASN C 215 -6.09 -8.51 28.26
C ASN C 215 -6.10 -7.03 27.93
N PHE C 216 -4.94 -6.38 28.07
CA PHE C 216 -4.84 -4.96 27.77
C PHE C 216 -5.12 -4.69 26.28
N MET C 217 -4.51 -5.47 25.41
CA MET C 217 -4.72 -5.32 23.96
C MET C 217 -6.19 -5.50 23.57
N ALA C 218 -6.80 -6.54 24.12
CA ALA C 218 -8.19 -6.86 23.82
C ALA C 218 -9.19 -5.86 24.37
N SER C 219 -8.86 -5.23 25.50
CA SER C 219 -9.78 -4.27 26.12
C SER C 219 -9.65 -2.83 25.64
N HIS C 220 -8.66 -2.56 24.79
CA HIS C 220 -8.45 -1.21 24.27
C HIS C 220 -8.76 -1.18 22.77
N LYS C 221 -9.80 -0.44 22.41
CA LYS C 221 -10.23 -0.33 21.03
C LYS C 221 -9.15 0.15 20.07
N GLU C 222 -8.27 1.04 20.53
CA GLU C 222 -7.21 1.54 19.68
C GLU C 222 -6.16 0.46 19.46
N CYS C 223 -6.22 -0.59 20.27
CA CYS C 223 -5.28 -1.69 20.17
C CYS C 223 -5.85 -2.80 19.30
N ILE C 224 -7.00 -3.34 19.67
CA ILE C 224 -7.67 -4.38 18.90
C ILE C 224 -9.15 -4.00 18.82
N PRO C 225 -9.54 -3.25 17.78
CA PRO C 225 -10.92 -2.79 17.56
C PRO C 225 -12.00 -3.86 17.66
N ILE C 226 -11.63 -5.11 17.41
CA ILE C 226 -12.62 -6.19 17.45
C ILE C 226 -13.02 -6.56 18.89
N GLY C 227 -12.24 -6.12 19.86
CA GLY C 227 -12.56 -6.38 21.26
C GLY C 227 -12.22 -7.76 21.79
N ALA C 228 -11.47 -8.54 21.03
CA ALA C 228 -11.08 -9.87 21.47
C ALA C 228 -9.72 -10.26 20.91
N ALA C 229 -8.95 -10.95 21.73
CA ALA C 229 -7.62 -11.40 21.33
C ALA C 229 -7.70 -12.48 20.27
N GLY C 230 -6.75 -12.48 19.34
CA GLY C 230 -6.76 -13.49 18.31
C GLY C 230 -6.50 -14.87 18.89
N LYS C 231 -7.07 -15.89 18.26
CA LYS C 231 -6.88 -17.27 18.69
C LYS C 231 -6.23 -18.01 17.53
N PRO C 232 -5.43 -19.04 17.82
CA PRO C 232 -4.77 -19.80 16.75
C PRO C 232 -5.76 -20.30 15.71
N GLU C 233 -6.94 -20.71 16.17
CA GLU C 233 -7.99 -21.21 15.29
C GLU C 233 -8.37 -20.15 14.25
N HIS C 234 -8.35 -18.89 14.68
CA HIS C 234 -8.69 -17.77 13.81
C HIS C 234 -7.78 -17.69 12.57
N ILE C 235 -6.51 -18.00 12.76
CA ILE C 235 -5.55 -17.98 11.66
C ILE C 235 -5.59 -19.29 10.88
N ALA C 236 -5.70 -20.40 11.59
CA ALA C 236 -5.76 -21.70 10.95
C ALA C 236 -6.89 -21.72 9.93
N ASN C 237 -8.06 -21.20 10.31
CA ASN C 237 -9.22 -21.15 9.43
C ASN C 237 -8.87 -20.51 8.09
N ILE C 238 -8.08 -19.45 8.16
CA ILE C 238 -7.68 -18.71 6.96
C ILE C 238 -6.70 -19.53 6.13
N ILE C 239 -5.75 -20.19 6.80
CA ILE C 239 -4.77 -21.01 6.12
C ILE C 239 -5.46 -22.11 5.31
N LEU C 240 -6.40 -22.80 5.95
CA LEU C 240 -7.14 -23.85 5.26
C LEU C 240 -7.94 -23.29 4.10
N PHE C 241 -8.54 -22.12 4.29
CA PHE C 241 -9.30 -21.49 3.21
C PHE C 241 -8.38 -21.28 2.01
N LEU C 242 -7.23 -20.68 2.28
CA LEU C 242 -6.23 -20.41 1.24
C LEU C 242 -5.71 -21.70 0.59
N ALA C 243 -5.77 -22.80 1.34
CA ALA C 243 -5.31 -24.09 0.84
C ALA C 243 -6.42 -24.79 0.05
N ASP C 244 -7.66 -24.35 0.24
CA ASP C 244 -8.78 -24.96 -0.45
C ASP C 244 -8.96 -24.30 -1.82
N ARG C 245 -8.28 -24.84 -2.83
CA ARG C 245 -8.35 -24.31 -4.19
C ARG C 245 -9.78 -24.19 -4.71
N ASN C 246 -10.61 -25.15 -4.35
CA ASN C 246 -12.01 -25.14 -4.78
C ASN C 246 -12.74 -23.87 -4.33
N LEU C 247 -12.34 -23.36 -3.17
CA LEU C 247 -12.96 -22.16 -2.61
C LEU C 247 -12.20 -20.86 -2.91
N SER C 248 -10.94 -20.79 -2.49
CA SER C 248 -10.13 -19.59 -2.65
C SER C 248 -9.35 -19.45 -3.96
N PHE C 249 -9.60 -20.35 -4.91
CA PHE C 249 -8.91 -20.37 -6.20
C PHE C 249 -8.37 -19.06 -6.75
N TYR C 250 -9.25 -18.11 -7.03
CA TYR C 250 -8.85 -16.84 -7.63
C TYR C 250 -7.93 -15.94 -6.80
N ILE C 251 -7.76 -16.23 -5.52
CA ILE C 251 -6.85 -15.44 -4.69
C ILE C 251 -5.45 -16.00 -4.94
N LEU C 252 -4.51 -15.14 -5.34
CA LEU C 252 -3.15 -15.58 -5.64
C LEU C 252 -2.11 -14.52 -5.32
N GLY C 253 -1.08 -14.90 -4.57
CA GLY C 253 -0.02 -13.98 -4.21
C GLY C 253 -0.47 -12.89 -3.26
N GLN C 254 -1.40 -13.21 -2.38
CA GLN C 254 -1.92 -12.25 -1.40
C GLN C 254 -1.65 -12.73 0.02
N SER C 255 -1.50 -11.78 0.94
CA SER C 255 -1.32 -12.11 2.35
C SER C 255 -2.48 -11.47 3.09
N ILE C 256 -3.47 -12.28 3.45
CA ILE C 256 -4.66 -11.78 4.13
C ILE C 256 -4.35 -11.32 5.54
N VAL C 257 -4.65 -10.05 5.83
CA VAL C 257 -4.42 -9.48 7.15
C VAL C 257 -5.57 -9.89 8.09
N ALA C 258 -5.21 -10.48 9.22
CA ALA C 258 -6.18 -10.92 10.22
C ALA C 258 -5.64 -10.42 11.55
N ASP C 259 -6.07 -9.22 11.94
CA ASP C 259 -5.59 -8.59 13.16
C ASP C 259 -6.67 -7.88 14.00
N GLY C 260 -7.93 -8.21 13.75
CA GLY C 260 -9.00 -7.58 14.50
C GLY C 260 -9.06 -6.08 14.27
N GLY C 261 -8.41 -5.61 13.20
CA GLY C 261 -8.41 -4.18 12.90
C GLY C 261 -7.25 -3.38 13.47
N THR C 262 -6.31 -4.05 14.13
CA THR C 262 -5.16 -3.40 14.74
C THR C 262 -4.37 -2.47 13.81
N SER C 263 -3.97 -2.97 12.65
CA SER C 263 -3.20 -2.18 11.70
C SER C 263 -3.97 -1.00 11.11
N LEU C 264 -5.28 -0.96 11.33
CA LEU C 264 -6.10 0.13 10.78
C LEU C 264 -6.20 1.34 11.70
N VAL C 265 -5.66 1.23 12.90
CA VAL C 265 -5.71 2.33 13.87
C VAL C 265 -4.40 3.09 13.91
N MET C 266 -4.51 4.41 13.79
CA MET C 266 -3.37 5.32 13.80
C MET C 266 -3.00 5.66 15.25
N GLY C 267 -1.72 5.97 15.47
CA GLY C 267 -1.27 6.31 16.81
C GLY C 267 -2.04 7.45 17.45
N THR C 268 -2.35 8.49 16.68
CA THR C 268 -3.07 9.64 17.20
C THR C 268 -4.48 9.26 17.63
N GLN C 269 -5.05 8.26 16.96
CA GLN C 269 -6.41 7.83 17.24
C GLN C 269 -6.55 7.16 18.62
N ALA C 270 -5.43 6.98 19.30
CA ALA C 270 -5.46 6.38 20.64
C ALA C 270 -5.89 7.47 21.64
N HIS C 271 -5.89 8.72 21.18
CA HIS C 271 -6.27 9.86 22.01
C HIS C 271 -7.57 10.50 21.53
N ASP C 272 -8.34 11.02 22.46
CA ASP C 272 -9.61 11.67 22.12
C ASP C 272 -9.38 12.91 21.27
N PRO D 2 -25.82 -26.48 6.57
CA PRO D 2 -26.16 -25.06 6.40
C PRO D 2 -25.40 -24.19 7.41
N ARG D 3 -24.34 -23.55 6.97
CA ARG D 3 -23.57 -22.71 7.87
C ARG D 3 -24.19 -21.31 8.03
N PHE D 4 -25.19 -21.02 7.22
CA PHE D 4 -25.86 -19.73 7.29
C PHE D 4 -27.31 -19.84 7.70
N SER D 5 -27.63 -20.94 8.39
CA SER D 5 -28.97 -21.17 8.89
C SER D 5 -29.30 -20.08 9.92
N ASN D 6 -30.54 -19.62 9.93
CA ASN D 6 -30.96 -18.56 10.84
C ASN D 6 -30.29 -17.24 10.52
N LYS D 7 -29.83 -17.10 9.28
CA LYS D 7 -29.19 -15.86 8.84
C LYS D 7 -29.99 -15.28 7.69
N THR D 8 -30.22 -13.97 7.75
CA THR D 8 -30.95 -13.28 6.70
C THR D 8 -29.97 -12.37 5.98
N VAL D 9 -29.86 -12.56 4.67
CA VAL D 9 -28.90 -11.80 3.87
C VAL D 9 -29.47 -10.98 2.72
N ILE D 10 -29.02 -9.73 2.63
CA ILE D 10 -29.43 -8.86 1.53
C ILE D 10 -28.28 -8.87 0.54
N ILE D 11 -28.56 -9.23 -0.71
CA ILE D 11 -27.54 -9.25 -1.75
C ILE D 11 -27.90 -8.23 -2.82
N THR D 12 -27.26 -7.07 -2.84
CA THR D 12 -27.60 -6.11 -3.87
C THR D 12 -26.96 -6.57 -5.19
N GLY D 13 -27.59 -6.21 -6.30
CA GLY D 13 -27.08 -6.61 -7.59
C GLY D 13 -27.06 -8.12 -7.78
N SER D 14 -28.12 -8.78 -7.35
CA SER D 14 -28.18 -10.23 -7.48
C SER D 14 -29.01 -10.72 -8.66
N SER D 15 -29.36 -9.83 -9.57
CA SER D 15 -30.11 -10.24 -10.76
C SER D 15 -29.13 -10.70 -11.84
N ASN D 16 -27.84 -10.62 -11.54
CA ASN D 16 -26.82 -11.05 -12.51
C ASN D 16 -25.43 -11.19 -11.87
N GLY D 17 -24.52 -11.82 -12.61
CA GLY D 17 -23.14 -12.00 -12.16
C GLY D 17 -22.85 -12.49 -10.75
N ILE D 18 -21.82 -11.92 -10.15
CA ILE D 18 -21.39 -12.27 -8.81
C ILE D 18 -22.51 -12.25 -7.78
N GLY D 19 -23.38 -11.24 -7.86
CA GLY D 19 -24.49 -11.15 -6.92
C GLY D 19 -25.45 -12.31 -7.00
N ARG D 20 -25.77 -12.73 -8.22
CA ARG D 20 -26.68 -13.87 -8.44
C ARG D 20 -26.13 -15.15 -7.81
N THR D 21 -24.88 -15.46 -8.11
CA THR D 21 -24.24 -16.66 -7.58
C THR D 21 -24.13 -16.61 -6.06
N THR D 22 -23.78 -15.44 -5.53
CA THR D 22 -23.65 -15.26 -4.09
C THR D 22 -24.99 -15.53 -3.39
N ALA D 23 -26.06 -14.97 -3.93
CA ALA D 23 -27.39 -15.16 -3.36
C ALA D 23 -27.71 -16.67 -3.38
N ILE D 24 -27.43 -17.30 -4.51
CA ILE D 24 -27.67 -18.73 -4.67
C ILE D 24 -26.96 -19.52 -3.56
N LEU D 25 -25.65 -19.29 -3.41
CA LEU D 25 -24.89 -20.02 -2.40
C LEU D 25 -25.38 -19.76 -0.98
N PHE D 26 -25.71 -18.51 -0.67
CA PHE D 26 -26.20 -18.20 0.67
C PHE D 26 -27.48 -18.99 0.94
N ALA D 27 -28.43 -18.91 0.01
CA ALA D 27 -29.70 -19.61 0.14
C ALA D 27 -29.44 -21.10 0.22
N GLN D 28 -28.51 -21.57 -0.61
CA GLN D 28 -28.17 -22.98 -0.65
C GLN D 28 -27.65 -23.42 0.70
N GLU D 29 -27.14 -22.48 1.49
CA GLU D 29 -26.61 -22.82 2.80
C GLU D 29 -27.50 -22.46 3.99
N GLY D 30 -28.81 -22.46 3.76
CA GLY D 30 -29.78 -22.17 4.81
C GLY D 30 -30.12 -20.74 5.16
N ALA D 31 -29.73 -19.78 4.32
CA ALA D 31 -30.00 -18.39 4.59
C ALA D 31 -31.28 -17.86 3.97
N ASN D 32 -31.85 -16.85 4.62
CA ASN D 32 -33.02 -16.14 4.12
C ASN D 32 -32.34 -15.12 3.22
N VAL D 33 -32.81 -14.95 2.00
CA VAL D 33 -32.16 -14.00 1.12
C VAL D 33 -33.08 -13.03 0.40
N THR D 34 -32.65 -11.78 0.33
CA THR D 34 -33.38 -10.77 -0.40
C THR D 34 -32.55 -10.55 -1.66
N ILE D 35 -33.12 -10.85 -2.82
CA ILE D 35 -32.40 -10.61 -4.05
C ILE D 35 -33.00 -9.35 -4.66
N THR D 36 -32.17 -8.57 -5.34
CA THR D 36 -32.68 -7.34 -5.93
C THR D 36 -31.88 -6.90 -7.15
N GLY D 37 -32.55 -6.12 -7.99
CA GLY D 37 -31.95 -5.62 -9.21
C GLY D 37 -33.03 -4.85 -9.96
N ARG D 38 -32.69 -4.32 -11.13
CA ARG D 38 -33.65 -3.58 -11.95
C ARG D 38 -34.35 -4.44 -13.01
N SER D 39 -33.64 -5.40 -13.59
CA SER D 39 -34.23 -6.27 -14.60
C SER D 39 -35.00 -7.38 -13.91
N SER D 40 -36.33 -7.23 -13.85
CA SER D 40 -37.17 -8.21 -13.20
C SER D 40 -37.03 -9.58 -13.83
N GLU D 41 -36.86 -9.61 -15.14
CA GLU D 41 -36.72 -10.88 -15.84
C GLU D 41 -35.49 -11.61 -15.34
N ARG D 42 -34.36 -10.91 -15.27
CA ARG D 42 -33.14 -11.54 -14.80
C ARG D 42 -33.22 -11.81 -13.30
N LEU D 43 -33.94 -10.97 -12.57
CA LEU D 43 -34.08 -11.18 -11.13
C LEU D 43 -34.85 -12.47 -10.90
N GLU D 44 -35.92 -12.67 -11.68
CA GLU D 44 -36.73 -13.88 -11.56
C GLU D 44 -35.87 -15.09 -11.93
N GLU D 45 -34.93 -14.87 -12.84
CA GLU D 45 -34.00 -15.91 -13.30
C GLU D 45 -33.28 -16.47 -12.08
N THR D 46 -32.79 -15.56 -11.24
CA THR D 46 -32.06 -15.93 -10.03
C THR D 46 -32.94 -16.69 -9.05
N ARG D 47 -34.16 -16.20 -8.86
CA ARG D 47 -35.08 -16.86 -7.92
C ARG D 47 -35.35 -18.30 -8.32
N GLN D 48 -35.59 -18.52 -9.61
CA GLN D 48 -35.84 -19.87 -10.11
C GLN D 48 -34.67 -20.80 -9.82
N ILE D 49 -33.45 -20.32 -10.04
CA ILE D 49 -32.28 -21.16 -9.78
C ILE D 49 -32.29 -21.59 -8.31
N ILE D 50 -32.53 -20.65 -7.41
CA ILE D 50 -32.57 -20.95 -5.99
C ILE D 50 -33.69 -21.95 -5.72
N LEU D 51 -34.88 -21.65 -6.23
CA LEU D 51 -36.04 -22.52 -6.04
C LEU D 51 -35.79 -23.92 -6.63
N LYS D 52 -35.18 -23.97 -7.81
CA LYS D 52 -34.88 -25.25 -8.45
C LYS D 52 -34.16 -26.17 -7.47
N SER D 53 -33.51 -25.57 -6.48
CA SER D 53 -32.82 -26.35 -5.45
C SER D 53 -33.92 -26.83 -4.52
N GLY D 54 -33.60 -27.04 -3.26
CA GLY D 54 -34.62 -27.47 -2.31
C GLY D 54 -35.13 -26.32 -1.49
N VAL D 55 -34.71 -25.10 -1.86
CA VAL D 55 -35.09 -23.89 -1.15
C VAL D 55 -36.53 -23.44 -1.38
N SER D 56 -37.24 -23.22 -0.28
CA SER D 56 -38.62 -22.76 -0.32
C SER D 56 -38.68 -21.29 -0.73
N GLU D 57 -39.77 -20.91 -1.39
CA GLU D 57 -39.95 -19.53 -1.84
C GLU D 57 -40.04 -18.56 -0.66
N LYS D 58 -40.29 -19.10 0.53
CA LYS D 58 -40.42 -18.25 1.72
C LYS D 58 -39.07 -17.77 2.24
N GLN D 59 -38.00 -18.38 1.74
CA GLN D 59 -36.64 -18.01 2.13
C GLN D 59 -36.07 -17.01 1.14
N VAL D 60 -36.83 -16.71 0.10
CA VAL D 60 -36.41 -15.78 -0.93
C VAL D 60 -37.34 -14.58 -1.08
N ASN D 61 -36.75 -13.39 -1.00
CA ASN D 61 -37.50 -12.14 -1.15
C ASN D 61 -36.93 -11.38 -2.36
N SER D 62 -37.74 -11.23 -3.39
CA SER D 62 -37.33 -10.53 -4.61
C SER D 62 -37.81 -9.09 -4.62
N VAL D 63 -36.88 -8.17 -4.84
CA VAL D 63 -37.22 -6.75 -4.88
C VAL D 63 -36.70 -6.09 -6.15
N VAL D 64 -37.60 -5.65 -7.01
CA VAL D 64 -37.21 -4.95 -8.24
C VAL D 64 -37.02 -3.50 -7.83
N ALA D 65 -35.78 -3.01 -7.87
CA ALA D 65 -35.52 -1.63 -7.46
C ALA D 65 -34.18 -1.10 -7.94
N ASP D 66 -34.09 0.22 -7.98
CA ASP D 66 -32.87 0.92 -8.37
C ASP D 66 -32.20 1.20 -7.03
N VAL D 67 -31.01 0.64 -6.83
CA VAL D 67 -30.31 0.81 -5.57
C VAL D 67 -29.71 2.21 -5.37
N THR D 68 -29.84 3.07 -6.38
CA THR D 68 -29.30 4.42 -6.26
C THR D 68 -30.30 5.41 -5.72
N THR D 69 -31.57 5.03 -5.69
CA THR D 69 -32.62 5.91 -5.20
C THR D 69 -32.98 5.63 -3.75
N GLU D 70 -33.47 6.66 -3.07
CA GLU D 70 -33.89 6.55 -1.68
C GLU D 70 -34.97 5.49 -1.56
N ASP D 71 -35.96 5.57 -2.45
CA ASP D 71 -37.08 4.63 -2.44
C ASP D 71 -36.63 3.20 -2.70
N GLY D 72 -35.77 3.01 -3.69
CA GLY D 72 -35.28 1.68 -4.00
C GLY D 72 -34.57 1.10 -2.81
N GLN D 73 -33.66 1.89 -2.23
CA GLN D 73 -32.90 1.47 -1.06
C GLN D 73 -33.82 1.11 0.10
N ASP D 74 -34.87 1.91 0.29
CA ASP D 74 -35.83 1.68 1.37
C ASP D 74 -36.64 0.41 1.18
N GLN D 75 -37.09 0.16 -0.06
CA GLN D 75 -37.88 -1.03 -0.37
C GLN D 75 -37.07 -2.29 -0.05
N ILE D 76 -35.80 -2.28 -0.44
CA ILE D 76 -34.91 -3.41 -0.20
C ILE D 76 -34.79 -3.74 1.29
N ILE D 77 -34.51 -2.73 2.10
CA ILE D 77 -34.35 -2.91 3.55
C ILE D 77 -35.67 -3.32 4.22
N ASN D 78 -36.69 -2.49 4.05
CA ASN D 78 -37.99 -2.71 4.67
C ASN D 78 -38.68 -4.03 4.27
N SER D 79 -38.60 -4.42 3.01
CA SER D 79 -39.24 -5.68 2.63
C SER D 79 -38.47 -6.82 3.30
N THR D 80 -37.17 -6.64 3.48
CA THR D 80 -36.34 -7.65 4.12
C THR D 80 -36.78 -7.81 5.59
N LEU D 81 -36.99 -6.68 6.27
CA LEU D 81 -37.42 -6.72 7.66
C LEU D 81 -38.84 -7.26 7.75
N LYS D 82 -39.68 -6.89 6.80
CA LYS D 82 -41.07 -7.34 6.77
C LYS D 82 -41.19 -8.86 6.64
N GLN D 83 -40.47 -9.43 5.68
CA GLN D 83 -40.51 -10.87 5.44
C GLN D 83 -39.68 -11.74 6.38
N PHE D 84 -38.52 -11.26 6.80
CA PHE D 84 -37.65 -12.08 7.64
C PHE D 84 -37.49 -11.62 9.08
N GLY D 85 -37.93 -10.41 9.37
CA GLY D 85 -37.83 -9.91 10.73
C GLY D 85 -36.48 -9.42 11.21
N LYS D 86 -35.46 -9.49 10.34
CA LYS D 86 -34.12 -9.03 10.71
C LYS D 86 -33.14 -9.00 9.54
N ILE D 87 -31.94 -8.47 9.81
CA ILE D 87 -30.88 -8.39 8.80
C ILE D 87 -29.57 -8.79 9.50
N ASP D 88 -28.95 -9.87 9.03
CA ASP D 88 -27.70 -10.36 9.61
C ASP D 88 -26.48 -9.96 8.80
N VAL D 89 -26.62 -9.93 7.49
CA VAL D 89 -25.50 -9.51 6.65
C VAL D 89 -25.99 -8.82 5.40
N LEU D 90 -25.23 -7.80 5.00
CA LEU D 90 -25.52 -7.03 3.81
C LEU D 90 -24.32 -7.17 2.89
N VAL D 91 -24.59 -7.46 1.62
CA VAL D 91 -23.49 -7.55 0.67
C VAL D 91 -23.72 -6.50 -0.38
N ASN D 92 -22.90 -5.45 -0.32
CA ASN D 92 -23.01 -4.35 -1.27
C ASN D 92 -22.24 -4.78 -2.51
N ASN D 93 -22.95 -5.49 -3.39
CA ASN D 93 -22.37 -6.02 -4.62
C ASN D 93 -22.71 -5.20 -5.87
N ALA D 94 -23.90 -4.61 -5.94
CA ALA D 94 -24.26 -3.82 -7.13
C ALA D 94 -23.16 -2.82 -7.48
N GLY D 95 -22.82 -2.76 -8.75
CA GLY D 95 -21.79 -1.85 -9.19
C GLY D 95 -21.62 -1.97 -10.68
N ALA D 96 -21.06 -0.94 -11.30
CA ALA D 96 -20.88 -0.98 -12.74
C ALA D 96 -20.01 0.16 -13.25
N ALA D 97 -19.24 -0.14 -14.29
CA ALA D 97 -18.39 0.87 -14.91
C ALA D 97 -19.25 1.50 -16.00
N ILE D 98 -19.96 2.55 -15.65
CA ILE D 98 -20.83 3.26 -16.57
C ILE D 98 -20.02 3.94 -17.67
N PRO D 99 -20.31 3.61 -18.93
CA PRO D 99 -19.59 4.19 -20.07
C PRO D 99 -20.15 5.53 -20.55
N ASP D 100 -19.31 6.28 -21.25
CA ASP D 100 -19.71 7.55 -21.82
C ASP D 100 -20.46 7.17 -23.09
N ALA D 101 -21.57 7.83 -23.36
CA ALA D 101 -22.36 7.52 -24.55
C ALA D 101 -21.53 7.65 -25.83
N PHE D 102 -20.52 8.51 -25.79
CA PHE D 102 -19.67 8.72 -26.96
C PHE D 102 -18.36 7.94 -26.88
N GLY D 103 -18.32 6.97 -25.96
CA GLY D 103 -17.14 6.14 -25.79
C GLY D 103 -15.88 6.82 -25.29
N THR D 104 -15.99 8.05 -24.82
CA THR D 104 -14.80 8.75 -24.34
C THR D 104 -14.24 8.04 -23.10
N THR D 105 -12.92 8.11 -22.95
CA THR D 105 -12.27 7.50 -21.79
C THR D 105 -11.23 8.49 -21.26
N GLY D 106 -10.61 8.14 -20.13
CA GLY D 106 -9.61 9.01 -19.56
C GLY D 106 -10.18 10.25 -18.88
N THR D 107 -9.29 11.22 -18.65
CA THR D 107 -9.66 12.49 -18.02
C THR D 107 -10.83 13.14 -18.75
N ASP D 108 -10.93 12.85 -20.05
CA ASP D 108 -11.98 13.44 -20.88
C ASP D 108 -13.42 13.00 -20.58
N GLN D 109 -13.62 11.96 -19.78
CA GLN D 109 -14.98 11.54 -19.47
C GLN D 109 -15.71 12.69 -18.79
N GLY D 110 -16.97 12.89 -19.16
CA GLY D 110 -17.75 13.98 -18.59
C GLY D 110 -18.12 13.84 -17.12
N ILE D 111 -18.50 14.97 -16.52
CA ILE D 111 -18.90 15.03 -15.12
C ILE D 111 -20.20 14.25 -14.90
N ASP D 112 -21.01 14.12 -15.94
CA ASP D 112 -22.26 13.38 -15.82
C ASP D 112 -21.95 11.92 -15.53
N ILE D 113 -20.87 11.42 -16.13
CA ILE D 113 -20.46 10.04 -15.90
C ILE D 113 -19.88 9.94 -14.49
N TYR D 114 -19.24 10.99 -14.04
CA TYR D 114 -18.68 11.04 -12.70
C TYR D 114 -19.80 10.90 -11.67
N HIS D 115 -20.87 11.67 -11.86
CA HIS D 115 -22.00 11.64 -10.94
C HIS D 115 -22.71 10.29 -10.92
N LYS D 116 -23.02 9.75 -12.10
CA LYS D 116 -23.71 8.47 -12.18
C LYS D 116 -22.86 7.32 -11.63
N THR D 117 -21.55 7.36 -11.85
CA THR D 117 -20.67 6.29 -11.40
C THR D 117 -20.53 6.26 -9.89
N LEU D 118 -20.37 7.42 -9.27
CA LEU D 118 -20.23 7.44 -7.82
C LEU D 118 -21.57 7.17 -7.13
N LYS D 119 -22.66 7.62 -7.73
CA LYS D 119 -23.97 7.42 -7.13
C LYS D 119 -24.24 5.93 -6.93
N LEU D 120 -23.81 5.11 -7.89
CA LEU D 120 -23.99 3.67 -7.81
C LEU D 120 -22.90 2.93 -7.04
N ASN D 121 -21.66 3.10 -7.47
CA ASN D 121 -20.53 2.40 -6.86
C ASN D 121 -20.10 2.88 -5.48
N LEU D 122 -20.49 4.10 -5.10
CA LEU D 122 -20.10 4.63 -3.80
C LEU D 122 -21.27 5.06 -2.92
N GLN D 123 -22.07 6.02 -3.40
CA GLN D 123 -23.18 6.53 -2.60
C GLN D 123 -24.15 5.44 -2.15
N ALA D 124 -24.56 4.57 -3.07
CA ALA D 124 -25.49 3.50 -2.74
C ALA D 124 -24.97 2.63 -1.60
N VAL D 125 -23.68 2.33 -1.62
CA VAL D 125 -23.06 1.50 -0.59
C VAL D 125 -23.15 2.21 0.76
N ILE D 126 -22.86 3.50 0.75
CA ILE D 126 -22.90 4.33 1.95
C ILE D 126 -24.31 4.36 2.55
N GLU D 127 -25.29 4.60 1.70
CA GLU D 127 -26.67 4.68 2.17
C GLU D 127 -27.22 3.33 2.64
N MET D 128 -26.90 2.25 1.92
CA MET D 128 -27.37 0.93 2.34
C MET D 128 -26.74 0.60 3.70
N THR D 129 -25.48 1.01 3.87
CA THR D 129 -24.76 0.78 5.13
C THR D 129 -25.43 1.56 6.28
N LYS D 130 -25.70 2.83 6.05
CA LYS D 130 -26.34 3.64 7.07
C LYS D 130 -27.70 3.06 7.42
N LYS D 131 -28.45 2.67 6.39
CA LYS D 131 -29.78 2.14 6.59
C LYS D 131 -29.91 0.77 7.26
N VAL D 132 -28.92 -0.12 7.07
CA VAL D 132 -29.00 -1.42 7.72
C VAL D 132 -28.32 -1.39 9.09
N LYS D 133 -27.51 -0.37 9.35
CA LYS D 133 -26.78 -0.26 10.60
C LYS D 133 -27.49 -0.62 11.91
N PRO D 134 -28.58 0.09 12.27
CA PRO D 134 -29.22 -0.29 13.53
C PRO D 134 -29.60 -1.76 13.61
N HIS D 135 -29.89 -2.36 12.46
CA HIS D 135 -30.28 -3.77 12.48
C HIS D 135 -29.04 -4.66 12.58
N LEU D 136 -27.91 -4.23 12.03
CA LEU D 136 -26.71 -5.03 12.14
C LEU D 136 -26.19 -4.92 13.56
N VAL D 137 -26.39 -3.75 14.17
CA VAL D 137 -25.98 -3.53 15.55
C VAL D 137 -26.72 -4.51 16.47
N ALA D 138 -28.00 -4.75 16.17
CA ALA D 138 -28.83 -5.65 16.98
C ALA D 138 -28.49 -7.12 16.76
N SER D 139 -28.22 -7.48 15.51
CA SER D 139 -27.88 -8.86 15.18
C SER D 139 -26.38 -9.11 15.26
N LYS D 140 -25.60 -8.05 15.46
CA LYS D 140 -24.14 -8.18 15.50
C LYS D 140 -23.75 -8.85 14.19
N GLY D 141 -24.35 -8.38 13.09
CA GLY D 141 -24.10 -8.96 11.80
C GLY D 141 -22.85 -8.51 11.07
N GLU D 142 -22.89 -8.57 9.74
CA GLU D 142 -21.73 -8.19 8.97
C GLU D 142 -22.06 -7.52 7.66
N ILE D 143 -21.04 -6.90 7.08
CA ILE D 143 -21.17 -6.25 5.81
C ILE D 143 -20.02 -6.74 4.95
N VAL D 144 -20.32 -7.03 3.69
CA VAL D 144 -19.30 -7.45 2.76
C VAL D 144 -19.52 -6.60 1.51
N ASN D 145 -18.56 -5.72 1.24
CA ASN D 145 -18.64 -4.88 0.06
C ASN D 145 -17.87 -5.54 -1.07
N VAL D 146 -18.18 -5.16 -2.30
CA VAL D 146 -17.50 -5.70 -3.47
C VAL D 146 -16.81 -4.52 -4.13
N SER D 147 -15.48 -4.50 -4.06
CA SER D 147 -14.72 -3.41 -4.64
C SER D 147 -14.16 -3.84 -5.99
N SER D 148 -12.88 -3.55 -6.22
CA SER D 148 -12.20 -3.90 -7.46
C SER D 148 -10.73 -3.50 -7.38
N ILE D 149 -9.88 -4.24 -8.09
CA ILE D 149 -8.46 -3.93 -8.10
C ILE D 149 -8.24 -2.59 -8.83
N VAL D 150 -9.26 -2.12 -9.53
CA VAL D 150 -9.17 -0.85 -10.26
C VAL D 150 -9.07 0.33 -9.27
N ALA D 151 -9.35 0.05 -8.00
CA ALA D 151 -9.27 1.08 -6.97
C ALA D 151 -7.84 1.56 -6.75
N GLY D 152 -6.87 0.68 -6.98
CA GLY D 152 -5.47 1.03 -6.79
C GLY D 152 -4.70 -0.21 -6.40
N PRO D 153 -3.38 -0.15 -6.17
CA PRO D 153 -2.53 1.04 -6.22
C PRO D 153 -2.09 1.47 -7.62
N GLN D 154 -2.38 0.66 -8.63
CA GLN D 154 -2.02 1.01 -10.00
C GLN D 154 -3.03 2.00 -10.58
N ALA D 155 -2.58 2.82 -11.52
CA ALA D 155 -3.43 3.81 -12.18
C ALA D 155 -4.45 3.16 -13.12
N GLN D 156 -5.57 3.84 -13.32
CA GLN D 156 -6.63 3.37 -14.21
C GLN D 156 -7.02 4.56 -15.09
N PRO D 157 -6.22 4.81 -16.13
CA PRO D 157 -6.40 5.91 -17.10
C PRO D 157 -7.61 5.88 -18.04
N ASP D 158 -8.38 4.78 -18.06
CA ASP D 158 -9.53 4.72 -18.96
C ASP D 158 -10.87 5.05 -18.30
N PHE D 159 -11.28 4.24 -17.32
CA PHE D 159 -12.52 4.52 -16.63
C PHE D 159 -12.16 5.04 -15.24
N LEU D 160 -11.68 6.28 -15.21
CA LEU D 160 -11.25 6.96 -13.99
C LEU D 160 -12.28 7.07 -12.88
N TYR D 161 -13.47 7.54 -13.19
CA TYR D 161 -14.50 7.69 -12.17
C TYR D 161 -14.89 6.38 -11.52
N TYR D 162 -14.91 5.30 -12.29
CA TYR D 162 -15.24 3.99 -11.76
C TYR D 162 -14.09 3.63 -10.81
N ALA D 163 -12.88 3.92 -11.25
CA ALA D 163 -11.68 3.65 -10.47
C ALA D 163 -11.65 4.40 -9.13
N ILE D 164 -11.97 5.69 -9.15
CA ILE D 164 -11.93 6.47 -7.92
C ILE D 164 -13.08 6.15 -6.98
N ALA D 165 -14.23 5.76 -7.53
CA ALA D 165 -15.36 5.41 -6.69
C ALA D 165 -14.97 4.17 -5.87
N LYS D 166 -14.24 3.25 -6.50
CA LYS D 166 -13.81 2.03 -5.82
C LYS D 166 -12.70 2.33 -4.81
N ALA D 167 -11.86 3.32 -5.11
CA ALA D 167 -10.79 3.69 -4.19
C ALA D 167 -11.44 4.31 -2.94
N ALA D 168 -12.46 5.13 -3.14
CA ALA D 168 -13.16 5.74 -2.01
C ALA D 168 -13.88 4.64 -1.22
N LEU D 169 -14.40 3.67 -1.95
CA LEU D 169 -15.13 2.54 -1.35
C LEU D 169 -14.25 1.78 -0.37
N ASP D 170 -12.99 1.54 -0.76
CA ASP D 170 -12.06 0.82 0.09
C ASP D 170 -11.82 1.57 1.40
N GLN D 171 -11.70 2.89 1.35
CA GLN D 171 -11.48 3.63 2.58
C GLN D 171 -12.78 3.68 3.39
N TYR D 172 -13.93 3.61 2.71
CA TYR D 172 -15.20 3.60 3.41
C TYR D 172 -15.34 2.26 4.13
N THR D 173 -14.84 1.20 3.49
CA THR D 173 -14.88 -0.12 4.09
C THR D 173 -14.03 -0.16 5.36
N ARG D 174 -12.80 0.35 5.26
CA ARG D 174 -11.87 0.40 6.39
C ARG D 174 -12.40 1.27 7.54
N SER D 175 -12.89 2.45 7.18
CA SER D 175 -13.40 3.38 8.18
C SER D 175 -14.68 2.93 8.88
N THR D 176 -15.63 2.36 8.14
CA THR D 176 -16.86 1.90 8.80
C THR D 176 -16.57 0.63 9.61
N ALA D 177 -15.57 -0.15 9.20
CA ALA D 177 -15.23 -1.35 9.95
C ALA D 177 -14.78 -0.97 11.35
N ILE D 178 -13.97 0.08 11.45
CA ILE D 178 -13.47 0.53 12.75
C ILE D 178 -14.56 1.23 13.57
N ASP D 179 -15.37 2.06 12.91
CA ASP D 179 -16.43 2.76 13.59
C ASP D 179 -17.47 1.79 14.13
N LEU D 180 -17.90 0.85 13.29
CA LEU D 180 -18.92 -0.13 13.68
C LEU D 180 -18.41 -1.32 14.47
N ALA D 181 -17.10 -1.46 14.58
CA ALA D 181 -16.53 -2.58 15.33
C ALA D 181 -17.01 -2.57 16.79
N LYS D 182 -17.22 -1.39 17.34
CA LYS D 182 -17.66 -1.24 18.72
C LYS D 182 -19.01 -1.89 18.97
N PHE D 183 -19.83 -1.99 17.92
CA PHE D 183 -21.16 -2.58 18.03
C PHE D 183 -21.16 -4.09 17.76
N GLY D 184 -19.98 -4.67 17.60
CA GLY D 184 -19.89 -6.10 17.35
C GLY D 184 -20.10 -6.48 15.89
N ILE D 185 -20.16 -5.46 15.04
CA ILE D 185 -20.35 -5.64 13.60
C ILE D 185 -18.99 -5.79 12.91
N ARG D 186 -18.95 -6.57 11.84
CA ARG D 186 -17.72 -6.75 11.09
C ARG D 186 -17.93 -6.36 9.64
N VAL D 187 -17.17 -5.38 9.19
CA VAL D 187 -17.26 -4.92 7.81
C VAL D 187 -16.01 -5.37 7.04
N ASN D 188 -16.21 -6.06 5.93
CA ASN D 188 -15.09 -6.50 5.12
C ASN D 188 -15.42 -6.32 3.64
N SER D 189 -14.51 -6.75 2.77
CA SER D 189 -14.73 -6.55 1.34
C SER D 189 -13.88 -7.49 0.49
N VAL D 190 -14.18 -7.54 -0.80
CA VAL D 190 -13.39 -8.35 -1.72
C VAL D 190 -13.16 -7.45 -2.93
N SER D 191 -11.95 -7.49 -3.47
CA SER D 191 -11.59 -6.68 -4.62
C SER D 191 -11.26 -7.64 -5.76
N PRO D 192 -12.25 -7.94 -6.63
CA PRO D 192 -12.04 -8.86 -7.74
C PRO D 192 -11.22 -8.31 -8.89
N GLY D 193 -10.66 -9.24 -9.66
CA GLY D 193 -9.93 -8.90 -10.87
C GLY D 193 -10.97 -9.23 -11.93
N MET D 194 -10.56 -9.65 -13.12
CA MET D 194 -11.51 -9.96 -14.16
C MET D 194 -12.42 -11.14 -13.79
N VAL D 195 -13.73 -10.95 -13.95
CA VAL D 195 -14.69 -12.02 -13.67
C VAL D 195 -15.73 -12.06 -14.79
N GLU D 196 -16.06 -13.26 -15.25
CA GLU D 196 -17.05 -13.38 -16.32
C GLU D 196 -18.45 -13.26 -15.75
N THR D 197 -19.08 -12.12 -16.04
CA THR D 197 -20.43 -11.83 -15.55
C THR D 197 -21.15 -11.03 -16.62
N GLY D 198 -22.05 -10.14 -16.21
CA GLY D 198 -22.77 -9.30 -17.15
C GLY D 198 -22.12 -7.93 -17.24
N PHE D 199 -21.02 -7.76 -16.51
CA PHE D 199 -20.26 -6.51 -16.42
C PHE D 199 -19.88 -5.88 -17.77
N THR D 200 -19.14 -6.60 -18.59
CA THR D 200 -18.74 -6.07 -19.89
C THR D 200 -19.95 -5.82 -20.78
N ASN D 201 -21.00 -6.62 -20.61
CA ASN D 201 -22.22 -6.46 -21.40
C ASN D 201 -22.89 -5.14 -21.03
N ALA D 202 -23.02 -4.89 -19.73
CA ALA D 202 -23.66 -3.66 -19.27
C ALA D 202 -22.92 -2.46 -19.85
N MET D 203 -21.60 -2.59 -20.01
CA MET D 203 -20.78 -1.53 -20.57
C MET D 203 -21.09 -1.28 -22.05
N GLY D 204 -21.76 -2.24 -22.67
CA GLY D 204 -22.10 -2.11 -24.08
C GLY D 204 -21.35 -3.07 -25.00
N MET D 205 -20.44 -3.85 -24.43
CA MET D 205 -19.64 -4.80 -25.21
C MET D 205 -20.45 -5.99 -25.70
N PRO D 206 -20.33 -6.33 -26.99
CA PRO D 206 -21.05 -7.47 -27.54
C PRO D 206 -20.55 -8.77 -26.89
N ASP D 207 -21.38 -9.80 -26.88
CA ASP D 207 -20.99 -11.07 -26.28
C ASP D 207 -19.75 -11.65 -26.94
N GLN D 208 -19.65 -11.51 -28.26
CA GLN D 208 -18.51 -12.04 -29.00
C GLN D 208 -17.23 -11.35 -28.58
N ALA D 209 -17.27 -10.03 -28.46
CA ALA D 209 -16.10 -9.27 -28.05
C ALA D 209 -15.72 -9.68 -26.62
N SER D 210 -16.70 -9.78 -25.75
CA SER D 210 -16.46 -10.18 -24.35
C SER D 210 -15.72 -11.50 -24.24
N GLN D 211 -16.20 -12.51 -24.96
CA GLN D 211 -15.57 -13.82 -24.92
C GLN D 211 -14.15 -13.71 -25.44
N LYS D 212 -13.96 -12.82 -26.43
CA LYS D 212 -12.64 -12.61 -27.02
C LYS D 212 -11.75 -11.94 -25.97
N PHE D 213 -12.34 -11.07 -25.16
CA PHE D 213 -11.62 -10.37 -24.10
C PHE D 213 -11.20 -11.39 -23.03
N TYR D 214 -12.16 -12.22 -22.60
CA TYR D 214 -11.88 -13.24 -21.58
C TYR D 214 -10.75 -14.16 -22.01
N ASN D 215 -10.87 -14.70 -23.22
CA ASN D 215 -9.87 -15.62 -23.73
C ASN D 215 -8.47 -15.02 -23.77
N PHE D 216 -8.35 -13.79 -24.24
CA PHE D 216 -7.06 -13.12 -24.32
C PHE D 216 -6.47 -12.93 -22.92
N MET D 217 -7.28 -12.48 -21.98
CA MET D 217 -6.83 -12.25 -20.61
C MET D 217 -6.36 -13.55 -19.96
N ALA D 218 -7.16 -14.60 -20.12
CA ALA D 218 -6.85 -15.90 -19.53
C ALA D 218 -5.63 -16.58 -20.15
N SER D 219 -5.38 -16.33 -21.44
CA SER D 219 -4.26 -16.95 -22.14
C SER D 219 -2.92 -16.21 -22.09
N HIS D 220 -2.93 -15.00 -21.52
CA HIS D 220 -1.70 -14.22 -21.40
C HIS D 220 -1.36 -14.06 -19.92
N LYS D 221 -0.24 -14.63 -19.51
CA LYS D 221 0.17 -14.58 -18.12
C LYS D 221 0.38 -13.18 -17.55
N GLU D 222 0.72 -12.21 -18.38
CA GLU D 222 0.92 -10.85 -17.90
C GLU D 222 -0.42 -10.20 -17.59
N CYS D 223 -1.50 -10.84 -18.04
CA CYS D 223 -2.84 -10.33 -17.81
C CYS D 223 -3.47 -11.03 -16.62
N ILE D 224 -3.50 -12.37 -16.68
CA ILE D 224 -4.03 -13.18 -15.58
C ILE D 224 -3.08 -14.35 -15.35
N PRO D 225 -2.11 -14.18 -14.43
CA PRO D 225 -1.12 -15.19 -14.09
C PRO D 225 -1.66 -16.60 -13.82
N ILE D 226 -2.78 -16.70 -13.11
CA ILE D 226 -3.33 -18.00 -12.78
C ILE D 226 -3.76 -18.83 -14.01
N GLY D 227 -3.89 -18.18 -15.16
CA GLY D 227 -4.24 -18.88 -16.39
C GLY D 227 -5.69 -19.28 -16.60
N ALA D 228 -6.61 -18.58 -15.93
CA ALA D 228 -8.02 -18.87 -16.07
C ALA D 228 -8.83 -17.62 -15.73
N ALA D 229 -9.90 -17.41 -16.47
CA ALA D 229 -10.76 -16.25 -16.24
C ALA D 229 -11.50 -16.45 -14.93
N GLY D 230 -11.73 -15.35 -14.20
CA GLY D 230 -12.46 -15.46 -12.94
C GLY D 230 -13.91 -15.84 -13.19
N LYS D 231 -14.51 -16.55 -12.25
CA LYS D 231 -15.90 -16.96 -12.38
C LYS D 231 -16.68 -16.39 -11.19
N PRO D 232 -17.99 -16.19 -11.34
CA PRO D 232 -18.85 -15.65 -10.28
C PRO D 232 -18.65 -16.40 -8.97
N GLU D 233 -18.64 -17.72 -9.04
CA GLU D 233 -18.46 -18.55 -7.87
C GLU D 233 -17.15 -18.25 -7.13
N HIS D 234 -16.11 -17.89 -7.86
CA HIS D 234 -14.82 -17.59 -7.24
C HIS D 234 -14.93 -16.41 -6.29
N ILE D 235 -15.76 -15.45 -6.64
CA ILE D 235 -15.94 -14.28 -5.79
C ILE D 235 -16.97 -14.57 -4.71
N ALA D 236 -18.00 -15.33 -5.06
CA ALA D 236 -19.04 -15.70 -4.10
C ALA D 236 -18.46 -16.45 -2.90
N ASN D 237 -17.58 -17.43 -3.16
CA ASN D 237 -16.96 -18.22 -2.10
C ASN D 237 -16.26 -17.32 -1.07
N ILE D 238 -15.65 -16.24 -1.55
CA ILE D 238 -14.95 -15.34 -0.65
C ILE D 238 -15.93 -14.50 0.18
N ILE D 239 -17.05 -14.12 -0.43
CA ILE D 239 -18.06 -13.33 0.27
C ILE D 239 -18.60 -14.15 1.45
N LEU D 240 -18.98 -15.39 1.17
CA LEU D 240 -19.50 -16.27 2.20
C LEU D 240 -18.48 -16.47 3.32
N PHE D 241 -17.22 -16.68 2.96
CA PHE D 241 -16.17 -16.88 3.96
C PHE D 241 -16.07 -15.68 4.89
N LEU D 242 -16.11 -14.48 4.33
CA LEU D 242 -16.02 -13.25 5.13
C LEU D 242 -17.31 -13.04 5.94
N ALA D 243 -18.43 -13.53 5.41
CA ALA D 243 -19.72 -13.42 6.09
C ALA D 243 -19.83 -14.47 7.17
N ASP D 244 -18.98 -15.49 7.09
CA ASP D 244 -18.98 -16.58 8.06
C ASP D 244 -18.11 -16.18 9.24
N ARG D 245 -18.69 -15.48 10.20
CA ARG D 245 -17.94 -15.01 11.38
C ARG D 245 -17.18 -16.10 12.11
N ASN D 246 -17.79 -17.27 12.27
CA ASN D 246 -17.11 -18.37 12.97
C ASN D 246 -15.78 -18.70 12.33
N LEU D 247 -15.71 -18.59 11.02
CA LEU D 247 -14.48 -18.91 10.30
C LEU D 247 -13.51 -17.73 10.14
N SER D 248 -14.00 -16.64 9.55
CA SER D 248 -13.17 -15.46 9.27
C SER D 248 -13.14 -14.36 10.33
N PHE D 249 -13.75 -14.62 11.48
CA PHE D 249 -13.81 -13.65 12.59
C PHE D 249 -12.73 -12.56 12.70
N TYR D 250 -11.48 -12.97 12.85
CA TYR D 250 -10.40 -12.02 13.04
C TYR D 250 -10.07 -11.12 11.85
N ILE D 251 -10.70 -11.34 10.70
CA ILE D 251 -10.48 -10.49 9.54
C ILE D 251 -11.45 -9.33 9.70
N LEU D 252 -10.93 -8.10 9.73
CA LEU D 252 -11.79 -6.92 9.88
C LEU D 252 -11.26 -5.69 9.14
N GLY D 253 -12.13 -5.05 8.37
CA GLY D 253 -11.74 -3.86 7.64
C GLY D 253 -10.79 -4.17 6.48
N GLN D 254 -10.86 -5.38 5.95
CA GLN D 254 -10.00 -5.77 4.84
C GLN D 254 -10.77 -6.05 3.56
N SER D 255 -10.14 -5.79 2.42
CA SER D 255 -10.73 -6.10 1.13
C SER D 255 -9.79 -7.07 0.44
N ILE D 256 -10.13 -8.35 0.50
CA ILE D 256 -9.32 -9.39 -0.09
C ILE D 256 -9.26 -9.29 -1.62
N VAL D 257 -8.05 -9.27 -2.15
CA VAL D 257 -7.86 -9.17 -3.59
C VAL D 257 -7.95 -10.57 -4.19
N ALA D 258 -8.82 -10.72 -5.19
CA ALA D 258 -9.01 -11.99 -5.88
C ALA D 258 -8.96 -11.69 -7.36
N ASP D 259 -7.77 -11.71 -7.94
CA ASP D 259 -7.62 -11.37 -9.34
C ASP D 259 -6.71 -12.30 -10.14
N GLY D 260 -6.50 -13.51 -9.65
CA GLY D 260 -5.65 -14.45 -10.36
C GLY D 260 -4.24 -13.92 -10.53
N GLY D 261 -3.88 -12.88 -9.77
CA GLY D 261 -2.55 -12.30 -9.86
C GLY D 261 -2.40 -11.09 -10.77
N THR D 262 -3.49 -10.67 -11.41
CA THR D 262 -3.46 -9.53 -12.35
C THR D 262 -2.78 -8.26 -11.81
N SER D 263 -3.17 -7.82 -10.62
CA SER D 263 -2.61 -6.60 -10.04
C SER D 263 -1.16 -6.72 -9.60
N LEU D 264 -0.64 -7.94 -9.63
CA LEU D 264 0.74 -8.16 -9.22
C LEU D 264 1.72 -8.01 -10.38
N VAL D 265 1.21 -7.84 -11.60
CA VAL D 265 2.14 -7.71 -12.73
C VAL D 265 2.28 -6.27 -13.23
N MET D 266 3.53 -5.87 -13.36
CA MET D 266 3.92 -4.53 -13.82
C MET D 266 3.81 -4.49 -15.35
N GLY D 267 3.52 -3.32 -15.90
CA GLY D 267 3.41 -3.18 -17.34
C GLY D 267 4.65 -3.61 -18.11
N THR D 268 5.82 -3.40 -17.51
CA THR D 268 7.08 -3.77 -18.15
C THR D 268 7.22 -5.28 -18.27
N GLN D 269 6.69 -6.00 -17.30
CA GLN D 269 6.78 -7.45 -17.29
C GLN D 269 6.00 -8.16 -18.40
N ALA D 270 5.35 -7.37 -19.25
CA ALA D 270 4.60 -7.91 -20.38
C ALA D 270 5.56 -8.05 -21.56
N HIS D 271 6.85 -7.86 -21.30
CA HIS D 271 7.89 -7.96 -22.33
C HIS D 271 9.04 -8.87 -21.92
N ASP D 272 9.90 -8.37 -21.03
CA ASP D 272 11.06 -9.12 -20.55
C ASP D 272 11.79 -9.88 -21.66
PA NDP E . 25.98 1.29 -10.60
O1A NDP E . 25.67 2.50 -11.34
O2A NDP E . 25.60 -0.08 -10.72
O5B NDP E . 26.46 1.69 -9.13
C5B NDP E . 26.81 0.63 -8.14
C4B NDP E . 27.43 1.41 -6.98
O4B NDP E . 27.45 0.72 -5.69
C3B NDP E . 28.93 1.75 -7.28
O3B NDP E . 29.32 2.99 -6.78
C2B NDP E . 29.55 0.43 -6.70
O2B NDP E . 30.93 0.42 -6.43
C1B NDP E . 28.67 0.22 -5.44
N9A NDP E . 28.73 -1.12 -4.97
C8A NDP E . 28.10 -2.29 -5.41
N7A NDP E . 28.43 -3.33 -4.70
C5A NDP E . 29.31 -2.86 -3.73
C6A NDP E . 30.03 -3.46 -2.65
N6A NDP E . 30.01 -4.76 -2.28
N1A NDP E . 30.85 -2.63 -1.87
C2A NDP E . 30.92 -1.28 -2.16
N3A NDP E . 30.30 -0.68 -3.13
C4A NDP E . 29.49 -1.50 -3.90
O3 NDP E . 24.39 1.40 -10.07
PN NDP E . 23.22 2.58 -9.99
O1N NDP E . 21.86 2.41 -9.58
O2N NDP E . 23.72 3.92 -9.80
O5D NDP E . 23.49 2.34 -8.39
C5D NDP E . 22.95 1.27 -7.62
C4D NDP E . 21.89 1.68 -6.60
O4D NDP E . 20.68 2.23 -7.29
C3D NDP E . 21.35 0.49 -5.79
O3D NDP E . 21.00 0.89 -4.46
C2D NDP E . 20.22 0.08 -6.70
O2D NDP E . 19.36 -0.92 -6.15
C1D NDP E . 19.57 1.43 -6.98
N1N NDP E . 18.51 1.34 -8.09
C2N NDP E . 18.97 1.43 -9.46
C3N NDP E . 18.00 1.35 -10.49
C7N NDP E . 18.44 1.44 -12.03
O7N NDP E . 17.55 1.36 -12.85
N7N NDP E . 19.75 1.60 -12.25
C4N NDP E . 16.59 1.18 -10.25
C5N NDP E . 16.25 1.12 -8.86
C6N NDP E . 17.14 1.19 -7.78
P2B NDP E . 32.03 0.11 -7.61
O1X NDP E . 33.46 0.10 -7.23
O2X NDP E . 31.35 -0.52 -8.80
O3X NDP E . 31.94 -1.24 -7.03
PA NDP F . -7.44 26.41 5.46
O1A NDP F . -6.11 26.82 5.89
O2A NDP F . -8.43 25.51 5.98
O5B NDP F . -7.58 26.68 3.88
C5B NDP F . -8.83 26.35 3.14
C4B NDP F . -8.57 26.96 1.77
O4B NDP F . -9.42 26.44 0.70
C3B NDP F . -8.81 28.50 1.75
O3B NDP F . -7.92 29.18 0.91
C2B NDP F . -10.34 28.49 1.44
O2B NDP F . -10.90 29.69 0.94
C1B NDP F . -10.40 27.32 0.41
N9A NDP F . -11.70 26.80 0.28
C8A NDP F . -12.44 25.93 1.08
N7A NDP F . -13.63 25.71 0.61
C5A NDP F . -13.72 26.47 -0.56
C6A NDP F . -14.72 26.68 -1.54
N6A NDP F . -15.96 26.13 -1.54
N1A NDP F . -14.46 27.53 -2.61
C2A NDP F . -13.22 28.13 -2.68
N3A NDP F . -12.23 27.98 -1.81
C4A NDP F . -12.53 27.13 -0.76
O3 NDP F . -6.70 24.96 5.12
PN NDP F . -5.15 24.41 4.87
O1N NDP F . -4.74 23.05 4.67
O2N NDP F . -4.25 25.36 4.27
O5D NDP F . -5.82 24.20 3.38
C5D NDP F . -6.76 23.18 3.07
C4D NDP F . -6.20 22.08 2.19
O4D NDP F . -5.10 21.35 2.90
C3D NDP F . -7.22 20.98 1.84
O3D NDP F . -6.99 20.47 0.51
C2D NDP F . -6.96 20.04 2.99
O2D NDP F . -7.58 18.76 2.91
C1D NDP F . -5.44 20.01 3.00
N1N NDP F . -4.91 19.31 4.25
C2N NDP F . -4.79 20.11 5.46
C3N NDP F . -4.30 19.46 6.61
C7N NDP F . -4.15 20.29 7.96
O7N NDP F . -3.72 19.69 8.93
N7N NDP F . -4.51 21.59 7.89
C4N NDP F . -3.92 18.08 6.67
C5N NDP F . -4.08 17.40 5.42
C6N NDP F . -4.55 17.95 4.23
P2B NDP F . -11.32 30.92 1.97
O1X NDP F . -11.89 32.16 1.37
O2X NDP F . -11.39 30.42 3.38
O3X NDP F . -12.63 30.30 1.80
PA NDP G . 4.80 -20.17 18.94
O1A NDP G . 3.39 -20.40 19.18
O2A NDP G . 5.69 -19.09 19.24
O5B NDP G . 5.26 -21.12 17.73
C5B NDP G . 6.66 -21.09 17.20
C4B NDP G . 6.64 -22.28 16.22
O4B NDP G . 7.73 -22.29 15.24
C3B NDP G . 6.79 -23.65 16.98
O3B NDP G . 6.04 -24.67 16.37
C2B NDP G . 8.34 -23.72 17.02
O2B NDP G . 8.90 -24.99 17.29
C1B NDP G . 8.69 -23.17 15.59
N9A NDP G . 10.01 -22.69 15.49
C8A NDP G . 10.58 -21.49 15.90
N7A NDP G . 11.85 -21.42 15.64
C5A NDP G . 12.17 -22.62 15.03
C6A NDP G . 13.37 -23.18 14.50
N6A NDP G . 14.59 -22.59 14.49
N1A NDP G . 13.32 -24.46 13.95
C2A NDP G . 12.11 -25.12 13.92
N3A NDP G . 10.97 -24.68 14.39
C4A NDP G . 11.04 -23.41 14.94
O3 NDP G . 4.28 -19.04 17.84
PN NDP G . 2.87 -18.72 17.04
O1N NDP G . 2.63 -17.61 16.17
O2N NDP G . 2.04 -19.86 16.74
O5D NDP G . 3.86 -19.19 15.81
C5D NDP G . 4.88 -18.38 15.20
C4D NDP G . 4.54 -17.88 13.81
O4D NDP G . 3.35 -16.98 13.85
C3D NDP G . 5.64 -17.02 13.16
O3D NDP G . 5.67 -17.26 11.73
C2D NDP G . 5.19 -15.66 13.61
O2D NDP G . 5.89 -14.57 13.01
C1D NDP G . 3.71 -15.74 13.34
N1N NDP G . 2.96 -14.55 13.93
C2N NDP G . 2.54 -14.66 15.31
C3N NDP G . 1.84 -13.56 15.87
C7N NDP G . 1.35 -13.63 17.40
O7N NDP G . 0.76 -12.66 17.83
N7N NDP G . 1.66 -14.77 18.05
C4N NDP G . 1.52 -12.36 15.16
C5N NDP G . 1.98 -12.38 13.80
C6N NDP G . 2.67 -13.40 13.16
P2B NDP G . 9.21 -25.50 18.84
O1X NDP G . 9.81 -26.84 19.03
O2X NDP G . 9.19 -24.32 19.78
O3X NDP G . 10.56 -25.03 18.50
PA NDP H . -23.10 -7.62 -13.69
O1A NDP H . -22.75 -9.03 -13.65
O2A NDP H . -22.55 -6.47 -14.32
O5B NDP H . -23.96 -7.27 -12.37
C5B NDP H . -24.45 -5.89 -12.12
C4B NDP H . -25.39 -6.06 -10.92
O4B NDP H . -25.67 -4.83 -10.19
C3B NDP H . -26.80 -6.58 -11.36
O3B NDP H . -27.37 -7.45 -10.41
C2B NDP H . -27.47 -5.21 -11.66
O2B NDP H . -28.89 -5.19 -11.71
C1B NDP H . -26.89 -4.36 -10.49
N9A NDP H . -27.02 -2.98 -10.74
C8A NDP H . -26.27 -2.10 -11.53
N7A NDP H . -26.72 -0.89 -11.49
C5A NDP H . -27.82 -0.93 -10.63
C6A NDP H . -28.74 0.05 -10.15
N6A NDP H . -28.76 1.37 -10.47
N1A NDP H . -29.76 -0.37 -9.27
C2A NDP H . -29.80 -1.70 -8.91
N3A NDP H . -28.98 -2.64 -9.31
C4A NDP H . -27.99 -2.21 -10.17
O3 NDP H . -21.67 -7.44 -12.82
PN NDP H . -20.66 -8.43 -11.93
O1N NDP H . -19.42 -8.08 -11.33
O2N NDP H . -21.31 -9.53 -11.29
O5D NDP H . -21.26 -7.47 -10.75
C5D NDP H . -20.86 -6.12 -10.53
C4D NDP H . -20.06 -5.88 -9.26
O4D NDP H . -18.75 -6.61 -9.35
C3D NDP H . -19.65 -4.41 -9.08
O3D NDP H . -19.59 -4.06 -7.68
C2D NDP H . -18.35 -4.43 -9.83
O2D NDP H . -17.57 -3.25 -9.74
C1D NDP H . -17.71 -5.69 -9.28
N1N NDP H . -16.46 -6.07 -10.07
C2N NDP H . -16.65 -6.87 -11.27
C3N NDP H . -15.51 -7.22 -12.01
C7N NDP H . -15.64 -8.10 -13.35
O7N NDP H . -14.61 -8.35 -13.93
N7N NDP H . -16.90 -8.47 -13.68
C4N NDP H . -14.17 -6.84 -11.64
C5N NDP H . -14.09 -6.07 -10.44
C6N NDP H . -15.17 -5.67 -9.64
P2B NDP H . -29.72 -5.55 -13.09
O1X NDP H . -31.20 -5.50 -13.05
O2X NDP H . -28.80 -5.51 -14.28
O3X NDP H . -29.75 -4.10 -13.19
#